data_4RIB
#
_entry.id   4RIB
#
_cell.length_a   97.697
_cell.length_b   110.989
_cell.length_c   105.427
_cell.angle_alpha   90.00
_cell.angle_beta   103.75
_cell.angle_gamma   90.00
#
_symmetry.space_group_name_H-M   'P 1 21 1'
#
loop_
_entity.id
_entity.type
_entity.pdbx_description
1 polymer 'Fanconi-associated nuclease 1'
2 polymer "DNA (5'-D(P*TP*AP*GP*CP*CP*AP*CP*GP*CP*CP*TP*AP*GP*AP*CP*TP*CP*CP*TP*C)-3')"
3 polymer "DNA (5'-D(*GP*CP*TP*GP*AP*GP*GP*AP*GP*TP*CP*T)-3')"
4 polymer "DNA (5'-D(*TP*TP*TP*TP*TP*TP*GP*AP*GP*GP*CP*GP*TP*G)-3')"
5 non-polymer 'CALCIUM ION'
#
loop_
_entity_poly.entity_id
_entity_poly.type
_entity_poly.pdbx_seq_one_letter_code
_entity_poly.pdbx_strand_id
1 'polypeptide(L)'
;GAHMTRNGPGQTTGHPYYLRSFLVVLKTVLENEDDMLLFDEQEKGIVTKFYQLSATGQKLYVRLFQRKLSWIKMTKLEYE
EIALDLTPVIEELTNAGFLQTESELQELSEVLELLSAPELKSLAKTFHLANPNGQKQQLVDAFLKLAKQRSVIGAVILKR
AKALAGQSVRICKGPRAVFSRILLLFSLTDSMEDEDAACGGQGQLSTVLLVNLGRMEFPSYTINRKTHIFQDRDDLIRYA
AATHMLSDISSAMANGNWEEAKELAQCAKRDWNRLKNHPSLRCHEDLPLFLRCFTVGWIYTRILSRFVEILQRLHMYEEA
VRELESLLSQRIYCPDSRGRWWDRLALNLHQHLKRLEPTIKCITEGLADPEVRTGHRLSLYQRAVRLRESPSCKKFKHLF
QQLPEMAVQDVKHVTITGRLCPQRGMCKSVFVMEAGEAADPTTVLCSVEELALAHYRRSGFDQGIHGEGSTFSTLYGLLL
WDIIFMDGIPDVFRNACQAFPLDLCTDSFFTSRRPALEARLQLIHDAPEESLRAWVAATWHEQEGRVASLVSWDRFTSLQ
QAQDLVSCLGGPVLSGVCRHLAADFRHCRGGLPDLVVWNSQSRHFKLVEVKGPNDRLSHKQMIWLAELQKLGAEVEVCHV
VAVGAKSQSLS
;
A,B
2 'polydeoxyribonucleotide' (DT)(DA)(DG)(DC)(DC)(DA)(DC)(DG)(DC)(DC)(DT)(DA)(DG)(DA)(DC)(DT)(DC)(DC)(DT)(DC) X,U
3 'polydeoxyribonucleotide' (DG)(DC)(DT)(DG)(DA)(DG)(DG)(DA)(DG)(DT)(DC)(DT) Y,V
4 'polydeoxyribonucleotide' (DT)(DT)(DT)(DT)(DT)(DT)(DG)(DA)(DG)(DG)(DC)(DG)(DT)(DG) Z,W
#
# COMPACT_ATOMS: atom_id res chain seq x y z
N THR A 13 -6.14 -65.00 21.97
CA THR A 13 -7.38 -65.13 22.78
C THR A 13 -8.28 -63.89 22.71
N GLY A 14 -7.70 -62.72 22.44
CA GLY A 14 -8.43 -61.45 22.36
C GLY A 14 -9.44 -61.33 21.22
N HIS A 15 -10.31 -60.33 21.32
CA HIS A 15 -11.24 -59.99 20.25
C HIS A 15 -10.52 -59.33 19.07
N PRO A 16 -11.09 -59.44 17.86
CA PRO A 16 -10.65 -58.63 16.71
C PRO A 16 -10.82 -57.11 16.95
N TYR A 17 -9.92 -56.31 16.40
CA TYR A 17 -9.85 -54.85 16.68
C TYR A 17 -11.21 -54.15 16.61
N TYR A 18 -12.01 -54.52 15.61
CA TYR A 18 -13.25 -53.83 15.31
C TYR A 18 -14.29 -54.02 16.39
N LEU A 19 -14.44 -55.26 16.85
CA LEU A 19 -15.29 -55.56 18.00
C LEU A 19 -14.81 -54.87 19.26
N ARG A 20 -13.51 -54.90 19.53
CA ARG A 20 -13.04 -54.26 20.75
C ARG A 20 -13.53 -52.82 20.81
N SER A 21 -13.27 -52.08 19.73
CA SER A 21 -13.55 -50.63 19.64
C SER A 21 -15.02 -50.32 19.77
N PHE A 22 -15.83 -51.15 19.10
CA PHE A 22 -17.28 -51.06 19.17
C PHE A 22 -17.74 -51.21 20.61
N LEU A 23 -17.11 -52.14 21.33
CA LEU A 23 -17.48 -52.44 22.71
C LEU A 23 -17.11 -51.30 23.62
N VAL A 24 -15.94 -50.71 23.40
CA VAL A 24 -15.50 -49.51 24.13
C VAL A 24 -16.52 -48.39 24.00
N VAL A 25 -17.12 -48.25 22.82
CA VAL A 25 -18.12 -47.19 22.64
C VAL A 25 -19.32 -47.37 23.58
N LEU A 26 -19.97 -48.53 23.49
CA LEU A 26 -21.09 -48.97 24.36
C LEU A 26 -20.82 -48.83 25.85
N LYS A 27 -19.75 -49.47 26.33
CA LYS A 27 -19.31 -49.29 27.70
C LYS A 27 -19.39 -47.82 28.13
N THR A 28 -18.69 -46.97 27.37
CA THR A 28 -18.50 -45.54 27.68
C THR A 28 -19.81 -44.80 27.88
N VAL A 29 -20.74 -45.03 26.96
CA VAL A 29 -22.02 -44.34 26.97
C VAL A 29 -22.95 -44.96 28.00
N LEU A 30 -22.98 -46.29 28.03
CA LEU A 30 -23.79 -47.06 28.98
C LEU A 30 -23.61 -46.63 30.43
N GLU A 31 -22.39 -46.31 30.84
CA GLU A 31 -22.15 -45.90 32.22
C GLU A 31 -22.44 -44.43 32.56
N ASN A 32 -23.04 -43.68 31.64
CA ASN A 32 -23.54 -42.35 31.97
C ASN A 32 -25.00 -42.39 32.35
N GLU A 33 -25.29 -42.07 33.61
CA GLU A 33 -26.66 -42.07 34.07
C GLU A 33 -27.44 -40.93 33.44
N ASP A 34 -26.76 -39.82 33.17
CA ASP A 34 -27.39 -38.68 32.50
C ASP A 34 -27.82 -39.01 31.08
N ASP A 35 -27.06 -39.90 30.44
CA ASP A 35 -27.30 -40.27 29.06
C ASP A 35 -28.27 -41.43 28.94
N MET A 36 -28.23 -42.36 29.89
CA MET A 36 -29.15 -43.48 29.88
C MET A 36 -30.60 -43.04 30.03
N LEU A 37 -30.79 -41.81 30.49
CA LEU A 37 -32.12 -41.20 30.59
C LEU A 37 -32.76 -40.95 29.23
N LEU A 38 -31.98 -41.02 28.17
CA LEU A 38 -32.46 -40.57 26.87
C LEU A 38 -32.73 -41.76 25.97
N PHE A 39 -32.89 -42.93 26.59
CA PHE A 39 -33.30 -44.12 25.88
C PHE A 39 -34.46 -44.77 26.62
N ASP A 40 -35.49 -45.17 25.87
CA ASP A 40 -36.65 -45.84 26.48
C ASP A 40 -36.34 -47.32 26.71
N GLU A 41 -37.29 -48.03 27.33
CA GLU A 41 -37.11 -49.43 27.75
C GLU A 41 -36.83 -50.35 26.59
N GLN A 42 -37.72 -50.30 25.62
CA GLN A 42 -37.64 -51.09 24.40
C GLN A 42 -36.22 -51.04 23.84
N GLU A 43 -35.68 -49.82 23.75
CA GLU A 43 -34.35 -49.51 23.21
C GLU A 43 -33.23 -50.18 24.00
N LYS A 44 -33.17 -49.89 25.30
CA LYS A 44 -32.21 -50.53 26.22
C LYS A 44 -32.19 -52.06 26.12
N GLY A 45 -33.34 -52.66 25.78
CA GLY A 45 -33.46 -54.11 25.57
C GLY A 45 -32.62 -54.65 24.43
N ILE A 46 -32.52 -53.85 23.38
CA ILE A 46 -31.74 -54.18 22.17
C ILE A 46 -30.23 -54.22 22.46
N VAL A 47 -29.79 -53.36 23.37
CA VAL A 47 -28.41 -53.38 23.80
C VAL A 47 -28.14 -54.70 24.48
N THR A 48 -29.02 -55.06 25.41
CA THR A 48 -28.86 -56.28 26.20
C THR A 48 -28.86 -57.52 25.29
N LYS A 49 -29.77 -57.53 24.32
CA LYS A 49 -29.85 -58.58 23.33
C LYS A 49 -28.53 -58.75 22.57
N PHE A 50 -27.78 -57.66 22.43
CA PHE A 50 -26.53 -57.67 21.69
C PHE A 50 -25.46 -58.44 22.50
N TYR A 51 -25.35 -58.05 23.77
CA TYR A 51 -24.42 -58.65 24.70
C TYR A 51 -24.74 -60.13 24.89
N GLN A 52 -26.02 -60.48 24.70
CA GLN A 52 -26.48 -61.87 24.77
C GLN A 52 -26.12 -62.73 23.57
N LEU A 53 -25.26 -62.23 22.68
CA LEU A 53 -24.92 -62.99 21.48
C LEU A 53 -23.58 -63.62 21.65
N SER A 54 -23.34 -64.63 20.82
CA SER A 54 -22.06 -65.30 20.80
C SER A 54 -21.03 -64.32 20.33
N ALA A 55 -19.77 -64.55 20.74
CA ALA A 55 -18.68 -63.75 20.21
C ALA A 55 -18.80 -63.72 18.69
N THR A 56 -19.18 -64.84 18.08
CA THR A 56 -19.31 -64.94 16.64
C THR A 56 -20.39 -64.01 16.13
N GLY A 57 -21.52 -64.01 16.82
CA GLY A 57 -22.69 -63.24 16.39
C GLY A 57 -22.46 -61.75 16.53
N GLN A 58 -21.64 -61.37 17.51
CA GLN A 58 -21.28 -59.99 17.72
C GLN A 58 -20.32 -59.56 16.63
N LYS A 59 -19.40 -60.46 16.30
CA LYS A 59 -18.39 -60.20 15.29
C LYS A 59 -19.06 -59.92 13.97
N LEU A 60 -20.05 -60.72 13.61
CA LEU A 60 -20.71 -60.51 12.34
C LEU A 60 -21.51 -59.22 12.30
N TYR A 61 -22.09 -58.85 13.44
CA TYR A 61 -22.94 -57.67 13.45
C TYR A 61 -22.13 -56.45 13.15
N VAL A 62 -21.01 -56.30 13.86
CA VAL A 62 -20.22 -55.09 13.73
C VAL A 62 -19.73 -54.98 12.31
N ARG A 63 -19.25 -56.10 11.77
CA ARG A 63 -18.86 -56.20 10.36
C ARG A 63 -19.83 -55.51 9.42
N LEU A 64 -21.09 -55.90 9.50
CA LEU A 64 -22.14 -55.36 8.65
C LEU A 64 -22.67 -54.02 9.13
N PHE A 65 -22.48 -53.70 10.40
CA PHE A 65 -22.84 -52.39 10.90
C PHE A 65 -21.96 -51.35 10.23
N GLN A 66 -20.69 -51.73 10.07
CA GLN A 66 -19.70 -50.94 9.38
C GLN A 66 -19.99 -50.85 7.90
N ARG A 67 -20.41 -51.93 7.27
CA ARG A 67 -20.73 -51.90 5.84
C ARG A 67 -21.87 -50.91 5.49
N LYS A 68 -22.03 -50.68 4.19
CA LYS A 68 -23.10 -49.86 3.72
C LYS A 68 -24.34 -50.65 3.94
N LEU A 69 -25.37 -49.97 4.40
CA LEU A 69 -26.64 -50.62 4.72
C LEU A 69 -27.50 -50.90 3.49
N SER A 70 -27.57 -52.18 3.11
CA SER A 70 -28.43 -52.63 2.02
C SER A 70 -28.35 -54.15 1.93
N TRP A 71 -29.21 -54.73 1.10
CA TRP A 71 -29.23 -56.19 0.90
C TRP A 71 -27.88 -56.72 0.39
N ILE A 72 -27.53 -57.91 0.83
CA ILE A 72 -26.25 -58.53 0.51
C ILE A 72 -26.45 -59.99 0.15
N LYS A 73 -26.03 -60.38 -1.05
CA LYS A 73 -26.05 -61.78 -1.45
C LYS A 73 -25.24 -62.64 -0.48
N MET A 74 -25.76 -63.82 -0.19
CA MET A 74 -25.17 -64.73 0.77
C MET A 74 -23.87 -65.30 0.27
N THR A 75 -23.70 -65.28 -1.04
CA THR A 75 -22.50 -65.77 -1.67
C THR A 75 -21.40 -64.70 -1.64
N LYS A 76 -21.79 -63.46 -1.35
CA LYS A 76 -20.84 -62.34 -1.23
C LYS A 76 -20.48 -62.08 0.24
N LEU A 77 -20.88 -62.99 1.12
CA LEU A 77 -20.53 -62.90 2.53
C LEU A 77 -19.46 -63.92 2.87
N GLU A 78 -18.33 -63.46 3.36
CA GLU A 78 -17.21 -64.35 3.65
C GLU A 78 -16.23 -63.72 4.64
N TYR A 79 -16.24 -64.24 5.85
CA TYR A 79 -15.32 -63.83 6.88
C TYR A 79 -14.87 -65.11 7.56
N GLU A 80 -13.68 -65.58 7.23
CA GLU A 80 -13.19 -66.83 7.79
C GLU A 80 -12.69 -66.69 9.23
N GLU A 81 -12.22 -65.49 9.60
CA GLU A 81 -11.86 -65.25 10.99
C GLU A 81 -13.09 -65.31 11.92
N ILE A 82 -14.27 -65.42 11.30
CA ILE A 82 -15.56 -65.48 12.01
C ILE A 82 -16.14 -66.91 12.00
N ALA A 83 -16.24 -67.50 10.82
CA ALA A 83 -16.81 -68.84 10.64
C ALA A 83 -16.67 -69.26 9.18
N LEU A 84 -16.28 -70.51 8.98
CA LEU A 84 -16.10 -71.01 7.63
C LEU A 84 -17.44 -71.19 6.93
N ASP A 85 -18.49 -71.34 7.72
CA ASP A 85 -19.86 -71.32 7.20
C ASP A 85 -20.69 -70.42 8.09
N LEU A 86 -21.46 -69.53 7.47
CA LEU A 86 -22.06 -68.43 8.21
C LEU A 86 -23.55 -68.63 8.51
N THR A 87 -24.13 -69.72 8.01
CA THR A 87 -25.58 -69.95 8.15
C THR A 87 -26.08 -70.09 9.59
N PRO A 88 -25.33 -70.85 10.43
CA PRO A 88 -25.64 -70.82 11.85
C PRO A 88 -25.67 -69.38 12.38
N VAL A 89 -24.54 -68.69 12.25
CA VAL A 89 -24.39 -67.31 12.69
C VAL A 89 -25.49 -66.40 12.15
N ILE A 90 -25.72 -66.44 10.84
CA ILE A 90 -26.80 -65.64 10.24
C ILE A 90 -28.12 -65.90 10.95
N GLU A 91 -28.46 -67.18 11.12
CA GLU A 91 -29.71 -67.50 11.76
C GLU A 91 -29.80 -66.87 13.15
N GLU A 92 -28.76 -67.08 13.96
CA GLU A 92 -28.72 -66.51 15.31
C GLU A 92 -29.18 -65.07 15.30
N LEU A 93 -28.67 -64.32 14.32
CA LEU A 93 -28.87 -62.88 14.24
C LEU A 93 -30.28 -62.53 13.77
N THR A 94 -30.79 -63.35 12.86
CA THR A 94 -32.16 -63.20 12.40
C THR A 94 -33.15 -63.54 13.51
N ASN A 95 -32.87 -64.63 14.23
CA ASN A 95 -33.64 -65.00 15.43
C ASN A 95 -33.68 -63.86 16.44
N ALA A 96 -32.51 -63.31 16.76
CA ALA A 96 -32.40 -62.15 17.65
C ALA A 96 -33.11 -60.92 17.10
N GLY A 97 -33.39 -60.92 15.80
CA GLY A 97 -34.04 -59.78 15.15
C GLY A 97 -33.11 -58.60 14.91
N PHE A 98 -31.88 -58.92 14.52
CA PHE A 98 -30.87 -57.92 14.24
C PHE A 98 -30.66 -57.83 12.75
N LEU A 99 -30.87 -58.96 12.08
CA LEU A 99 -30.71 -59.09 10.63
C LEU A 99 -32.07 -59.41 10.02
N GLN A 100 -32.16 -59.42 8.69
CA GLN A 100 -33.35 -59.92 8.01
C GLN A 100 -33.02 -60.66 6.71
N THR A 101 -34.05 -61.23 6.09
CA THR A 101 -33.84 -62.21 5.03
C THR A 101 -34.74 -61.99 3.85
N GLU A 102 -34.35 -62.58 2.71
CA GLU A 102 -35.05 -62.40 1.43
C GLU A 102 -36.55 -62.52 1.60
N SER A 103 -36.95 -63.37 2.54
CA SER A 103 -38.35 -63.48 2.93
C SER A 103 -38.96 -62.10 3.18
N GLU A 104 -38.23 -61.21 3.85
CA GLU A 104 -38.72 -59.85 4.12
C GLU A 104 -38.36 -58.85 3.02
N LEU A 105 -37.68 -59.34 1.98
CA LEU A 105 -37.37 -58.52 0.80
C LEU A 105 -38.61 -58.33 -0.08
N GLN A 106 -39.16 -57.12 -0.03
CA GLN A 106 -40.46 -56.83 -0.65
C GLN A 106 -40.42 -55.79 -1.76
N GLU A 107 -39.65 -54.73 -1.58
CA GLU A 107 -39.59 -53.63 -2.55
C GLU A 107 -38.85 -53.96 -3.82
N LEU A 108 -39.47 -53.64 -4.95
CA LEU A 108 -38.96 -54.04 -6.26
C LEU A 108 -37.59 -53.45 -6.54
N SER A 109 -37.49 -52.12 -6.49
CA SER A 109 -36.23 -51.42 -6.59
C SER A 109 -35.13 -52.17 -5.85
N GLU A 110 -35.39 -52.47 -4.57
CA GLU A 110 -34.45 -53.16 -3.71
C GLU A 110 -33.93 -54.47 -4.30
N VAL A 111 -34.79 -55.19 -5.02
CA VAL A 111 -34.43 -56.49 -5.58
C VAL A 111 -33.60 -56.36 -6.84
N LEU A 112 -33.93 -55.35 -7.64
CA LEU A 112 -33.24 -55.12 -8.90
C LEU A 112 -31.83 -54.62 -8.59
N GLU A 113 -31.74 -53.72 -7.61
CA GLU A 113 -30.47 -53.26 -7.06
C GLU A 113 -29.54 -54.41 -6.78
N LEU A 114 -30.04 -55.36 -6.01
CA LEU A 114 -29.27 -56.48 -5.50
C LEU A 114 -28.78 -57.42 -6.59
N LEU A 115 -29.28 -57.24 -7.81
CA LEU A 115 -28.90 -58.12 -8.90
C LEU A 115 -27.68 -57.61 -9.63
N SER A 116 -26.88 -58.54 -10.15
CA SER A 116 -25.79 -58.20 -11.08
C SER A 116 -26.37 -57.80 -12.44
N ALA A 117 -25.73 -56.87 -13.13
CA ALA A 117 -26.14 -56.49 -14.49
C ALA A 117 -26.34 -57.68 -15.47
N PRO A 118 -25.43 -58.70 -15.45
CA PRO A 118 -25.72 -59.93 -16.21
C PRO A 118 -27.09 -60.56 -15.90
N GLU A 119 -27.41 -60.71 -14.62
CA GLU A 119 -28.70 -61.27 -14.20
C GLU A 119 -29.85 -60.35 -14.60
N LEU A 120 -29.64 -59.04 -14.56
CA LEU A 120 -30.66 -58.10 -15.03
C LEU A 120 -30.94 -58.22 -16.53
N LYS A 121 -30.01 -58.82 -17.27
CA LYS A 121 -30.23 -59.15 -18.68
C LYS A 121 -31.16 -60.37 -18.85
N SER A 122 -30.80 -61.49 -18.22
CA SER A 122 -31.63 -62.70 -18.20
C SER A 122 -33.09 -62.34 -18.00
N LEU A 123 -33.34 -61.53 -16.98
CA LEU A 123 -34.67 -61.09 -16.60
C LEU A 123 -35.31 -60.13 -17.61
N ALA A 124 -34.49 -59.33 -18.29
CA ALA A 124 -35.01 -58.48 -19.36
C ALA A 124 -35.38 -59.32 -20.56
N LYS A 125 -34.70 -60.46 -20.71
CA LYS A 125 -34.96 -61.39 -21.80
C LYS A 125 -36.26 -62.13 -21.57
N THR A 126 -36.25 -63.07 -20.63
CA THR A 126 -37.41 -63.95 -20.40
C THR A 126 -38.69 -63.18 -20.07
N PHE A 127 -38.59 -61.85 -19.98
CA PHE A 127 -39.76 -61.00 -19.99
C PHE A 127 -39.80 -60.24 -21.30
N HIS A 128 -40.79 -60.57 -22.13
CA HIS A 128 -40.85 -60.08 -23.51
C HIS A 128 -40.95 -58.58 -23.62
N LEU A 129 -41.86 -57.96 -22.86
CA LEU A 129 -42.11 -56.51 -22.93
C LEU A 129 -40.85 -55.65 -22.75
N ALA A 130 -39.74 -56.27 -22.37
CA ALA A 130 -38.50 -55.53 -22.12
C ALA A 130 -37.55 -55.58 -23.32
N ASN A 131 -36.96 -54.43 -23.65
CA ASN A 131 -35.87 -54.34 -24.63
C ASN A 131 -34.47 -54.69 -24.02
N PRO A 132 -33.94 -55.89 -24.35
CA PRO A 132 -32.84 -56.59 -23.64
C PRO A 132 -31.59 -55.78 -23.27
N ASN A 133 -31.27 -54.74 -24.03
CA ASN A 133 -30.00 -54.04 -23.82
C ASN A 133 -30.11 -52.62 -23.27
N GLY A 134 -29.02 -52.14 -22.70
CA GLY A 134 -28.98 -50.86 -22.02
C GLY A 134 -28.15 -51.00 -20.76
N GLN A 135 -28.13 -49.96 -19.95
CA GLN A 135 -27.37 -49.95 -18.69
C GLN A 135 -28.21 -50.50 -17.54
N LYS A 136 -27.54 -50.95 -16.47
CA LYS A 136 -28.23 -51.40 -15.28
C LYS A 136 -29.30 -50.39 -14.91
N GLN A 137 -28.93 -49.12 -14.84
CA GLN A 137 -29.87 -48.07 -14.51
C GLN A 137 -31.05 -48.04 -15.49
N GLN A 138 -30.76 -48.12 -16.78
CA GLN A 138 -31.77 -48.06 -17.83
C GLN A 138 -32.84 -49.14 -17.66
N LEU A 139 -32.38 -50.37 -17.45
CA LEU A 139 -33.24 -51.54 -17.21
C LEU A 139 -34.09 -51.41 -15.94
N VAL A 140 -33.52 -50.84 -14.89
CA VAL A 140 -34.23 -50.63 -13.63
C VAL A 140 -35.34 -49.59 -13.79
N ASP A 141 -35.08 -48.56 -14.58
CA ASP A 141 -36.11 -47.59 -14.91
C ASP A 141 -37.24 -48.27 -15.68
N ALA A 142 -36.87 -49.19 -16.58
CA ALA A 142 -37.82 -49.95 -17.40
C ALA A 142 -38.78 -50.72 -16.50
N PHE A 143 -38.19 -51.60 -15.69
CA PHE A 143 -38.95 -52.46 -14.78
C PHE A 143 -39.82 -51.65 -13.82
N LEU A 144 -39.23 -50.68 -13.13
CA LEU A 144 -39.94 -49.89 -12.12
C LEU A 144 -41.12 -49.08 -12.65
N LYS A 145 -41.04 -48.68 -13.92
CA LYS A 145 -42.17 -48.06 -14.63
C LYS A 145 -43.26 -49.10 -14.88
N LEU A 146 -42.91 -50.14 -15.64
CA LEU A 146 -43.81 -51.25 -16.00
C LEU A 146 -44.71 -51.71 -14.86
N ALA A 147 -44.09 -51.99 -13.72
CA ALA A 147 -44.80 -52.42 -12.52
C ALA A 147 -45.71 -51.36 -11.91
N LYS A 148 -45.41 -50.09 -12.16
CA LYS A 148 -46.21 -49.01 -11.57
C LYS A 148 -47.54 -48.82 -12.29
N GLN A 149 -47.61 -49.28 -13.53
CA GLN A 149 -48.85 -49.28 -14.28
C GLN A 149 -49.56 -50.63 -14.19
N ARG A 150 -48.83 -51.71 -14.47
CA ARG A 150 -49.43 -53.04 -14.45
C ARG A 150 -48.90 -53.83 -13.26
N SER A 151 -49.20 -53.30 -12.07
CA SER A 151 -48.69 -53.83 -10.81
C SER A 151 -48.76 -55.36 -10.62
N VAL A 152 -49.87 -55.97 -11.02
CA VAL A 152 -49.99 -57.43 -10.96
C VAL A 152 -48.80 -58.07 -11.66
N ILE A 153 -48.44 -57.57 -12.84
CA ILE A 153 -47.30 -58.10 -13.55
C ILE A 153 -45.99 -57.79 -12.80
N GLY A 154 -45.93 -56.65 -12.12
CA GLY A 154 -44.79 -56.29 -11.27
C GLY A 154 -44.51 -57.35 -10.23
N ALA A 155 -45.58 -57.83 -9.60
CA ALA A 155 -45.52 -58.92 -8.62
C ALA A 155 -44.83 -60.18 -9.18
N VAL A 156 -45.13 -60.50 -10.43
CA VAL A 156 -44.56 -61.67 -11.07
C VAL A 156 -43.06 -61.50 -11.29
N ILE A 157 -42.64 -60.28 -11.60
CA ILE A 157 -41.24 -59.99 -11.88
C ILE A 157 -40.48 -60.03 -10.57
N LEU A 158 -41.07 -59.40 -9.54
CA LEU A 158 -40.53 -59.43 -8.20
C LEU A 158 -40.29 -60.88 -7.76
N LYS A 159 -41.33 -61.71 -7.89
CA LYS A 159 -41.25 -63.14 -7.61
C LYS A 159 -40.04 -63.77 -8.29
N ARG A 160 -39.87 -63.54 -9.59
CA ARG A 160 -38.82 -64.22 -10.34
C ARG A 160 -37.44 -63.69 -9.99
N ALA A 161 -37.34 -62.37 -9.87
CA ALA A 161 -36.06 -61.72 -9.53
C ALA A 161 -35.45 -62.28 -8.24
N LYS A 162 -36.25 -62.28 -7.17
CA LYS A 162 -35.86 -62.84 -5.86
C LYS A 162 -35.27 -64.24 -6.00
N ALA A 163 -35.94 -65.08 -6.76
CA ALA A 163 -35.43 -66.40 -7.05
C ALA A 163 -34.06 -66.26 -7.73
N LEU A 164 -34.00 -65.41 -8.75
CA LEU A 164 -32.79 -65.24 -9.54
C LEU A 164 -31.63 -64.65 -8.71
N ALA A 165 -31.97 -63.85 -7.70
CA ALA A 165 -30.96 -63.24 -6.84
C ALA A 165 -30.47 -64.20 -5.77
N GLY A 166 -31.33 -65.12 -5.34
CA GLY A 166 -30.95 -66.11 -4.33
C GLY A 166 -31.09 -65.66 -2.88
N GLN A 167 -30.25 -66.25 -2.02
CA GLN A 167 -30.31 -66.00 -0.58
C GLN A 167 -29.68 -64.66 -0.22
N SER A 168 -30.26 -63.92 0.73
CA SER A 168 -29.74 -62.59 1.06
C SER A 168 -30.07 -62.07 2.45
N VAL A 169 -29.25 -61.15 2.94
CA VAL A 169 -29.45 -60.57 4.27
C VAL A 169 -29.36 -59.04 4.22
N ARG A 170 -29.84 -58.41 5.28
CA ARG A 170 -29.67 -56.97 5.47
C ARG A 170 -29.79 -56.55 6.94
N ILE A 171 -28.91 -55.66 7.39
CA ILE A 171 -28.96 -55.17 8.76
C ILE A 171 -30.33 -54.51 9.03
N CYS A 172 -30.85 -54.69 10.23
CA CYS A 172 -32.19 -54.20 10.55
C CYS A 172 -32.13 -52.77 11.00
N LYS A 173 -32.85 -51.92 10.28
CA LYS A 173 -32.78 -50.48 10.52
C LYS A 173 -33.36 -50.03 11.88
N GLY A 174 -34.17 -50.87 12.51
CA GLY A 174 -34.71 -50.57 13.82
C GLY A 174 -33.62 -50.62 14.86
N PRO A 175 -33.05 -51.83 15.09
CA PRO A 175 -31.96 -52.01 16.05
C PRO A 175 -30.78 -51.08 15.72
N ARG A 176 -30.40 -51.01 14.45
CA ARG A 176 -29.28 -50.17 14.02
C ARG A 176 -29.44 -48.75 14.58
N ALA A 177 -30.55 -48.10 14.26
CA ALA A 177 -30.83 -46.76 14.76
C ALA A 177 -30.44 -46.53 16.21
N VAL A 178 -30.50 -47.55 17.03
CA VAL A 178 -30.17 -47.38 18.46
C VAL A 178 -28.67 -47.18 18.65
N PHE A 179 -27.89 -48.03 17.97
CA PHE A 179 -26.43 -47.94 17.96
C PHE A 179 -25.86 -46.65 17.35
N SER A 180 -26.50 -46.16 16.28
CA SER A 180 -26.26 -44.81 15.80
C SER A 180 -26.40 -43.79 16.93
N ARG A 181 -27.54 -43.82 17.61
CA ARG A 181 -27.77 -42.80 18.61
C ARG A 181 -26.81 -42.91 19.78
N ILE A 182 -26.31 -44.12 20.02
CA ILE A 182 -25.35 -44.30 21.11
C ILE A 182 -24.04 -43.68 20.67
N LEU A 183 -23.60 -44.09 19.48
CA LEU A 183 -22.41 -43.56 18.85
C LEU A 183 -22.41 -42.02 18.78
N LEU A 184 -23.55 -41.44 18.40
CA LEU A 184 -23.71 -40.00 18.38
C LEU A 184 -23.32 -39.36 19.70
N LEU A 185 -23.80 -39.93 20.80
CA LEU A 185 -23.46 -39.41 22.12
C LEU A 185 -21.99 -39.57 22.47
N PHE A 186 -21.41 -40.73 22.14
CA PHE A 186 -20.01 -41.00 22.43
C PHE A 186 -19.16 -39.97 21.74
N SER A 187 -19.71 -39.48 20.63
CA SER A 187 -19.08 -38.52 19.73
C SER A 187 -19.20 -37.09 20.16
N LEU A 188 -20.12 -36.79 21.08
CA LEU A 188 -20.22 -35.43 21.60
C LEU A 188 -19.00 -35.09 22.45
N THR A 189 -18.25 -36.11 22.86
CA THR A 189 -17.00 -35.92 23.59
C THR A 189 -15.78 -36.40 22.79
N ASP A 190 -16.02 -36.79 21.54
CA ASP A 190 -14.98 -37.46 20.73
C ASP A 190 -15.10 -37.28 19.19
N SER A 191 -15.37 -38.38 18.46
CA SER A 191 -15.03 -38.57 17.02
C SER A 191 -15.91 -37.95 15.94
N MET A 192 -16.98 -37.28 16.35
CA MET A 192 -17.66 -36.32 15.48
C MET A 192 -17.32 -34.96 16.06
N GLU A 193 -16.88 -34.96 17.31
CA GLU A 193 -16.77 -33.74 18.06
C GLU A 193 -15.35 -33.17 18.10
N ASP A 194 -14.33 -33.98 17.80
CA ASP A 194 -13.02 -33.41 17.46
C ASP A 194 -13.00 -32.84 16.01
N GLU A 195 -14.20 -32.39 15.57
CA GLU A 195 -14.54 -31.76 14.27
C GLU A 195 -15.38 -32.69 13.36
N ASP A 196 -16.52 -32.17 12.88
CA ASP A 196 -17.63 -32.94 12.27
C ASP A 196 -17.34 -34.20 11.42
N ALA A 197 -17.71 -35.35 11.98
CA ALA A 197 -17.57 -36.64 11.29
C ALA A 197 -18.72 -36.84 10.33
N ALA A 198 -18.39 -36.81 9.04
CA ALA A 198 -19.35 -37.07 7.97
C ALA A 198 -19.67 -38.57 7.89
N CYS A 199 -20.31 -39.08 8.95
CA CYS A 199 -20.62 -40.51 9.11
C CYS A 199 -21.66 -41.00 8.09
N GLY A 200 -21.16 -41.30 6.89
CA GLY A 200 -21.97 -41.86 5.79
C GLY A 200 -22.19 -43.33 6.02
N GLY A 201 -23.09 -43.92 5.23
CA GLY A 201 -23.55 -45.29 5.47
C GLY A 201 -24.60 -45.36 6.59
N GLN A 202 -25.06 -44.18 7.01
CA GLN A 202 -26.16 -43.91 7.98
C GLN A 202 -25.73 -43.50 9.40
N GLY A 203 -24.46 -43.74 9.73
CA GLY A 203 -23.92 -43.40 11.05
C GLY A 203 -23.09 -44.53 11.58
N GLN A 204 -21.77 -44.41 11.47
CA GLN A 204 -20.82 -45.49 11.76
C GLN A 204 -19.65 -45.00 12.59
N LEU A 205 -18.67 -45.87 12.80
CA LEU A 205 -17.44 -45.46 13.48
C LEU A 205 -16.45 -44.96 12.46
N SER A 206 -15.82 -43.81 12.72
CA SER A 206 -14.72 -43.32 11.89
C SER A 206 -13.54 -44.32 11.86
N THR A 207 -12.85 -44.40 10.73
CA THR A 207 -11.81 -45.44 10.51
C THR A 207 -10.74 -45.42 11.58
N VAL A 208 -10.13 -44.25 11.80
CA VAL A 208 -9.15 -44.09 12.89
C VAL A 208 -9.67 -44.69 14.19
N LEU A 209 -10.90 -44.34 14.56
CA LEU A 209 -11.51 -44.84 15.77
C LEU A 209 -11.79 -46.34 15.71
N LEU A 210 -12.41 -46.81 14.64
CA LEU A 210 -12.69 -48.23 14.53
C LEU A 210 -11.41 -49.03 14.67
N VAL A 211 -10.28 -48.47 14.29
CA VAL A 211 -9.04 -49.24 14.39
C VAL A 211 -8.39 -49.14 15.79
N ASN A 212 -8.31 -47.95 16.35
CA ASN A 212 -7.50 -47.76 17.53
C ASN A 212 -8.26 -47.50 18.79
N LEU A 213 -9.59 -47.47 18.75
CA LEU A 213 -10.30 -47.14 19.97
C LEU A 213 -10.00 -48.20 21.01
N GLY A 214 -10.06 -49.47 20.58
CA GLY A 214 -9.78 -50.62 21.44
C GLY A 214 -8.43 -50.58 22.16
N ARG A 215 -7.44 -49.94 21.56
CA ARG A 215 -6.09 -49.96 22.11
C ARG A 215 -5.68 -48.64 22.74
N MET A 216 -6.45 -47.57 22.54
CA MET A 216 -6.02 -46.23 22.95
C MET A 216 -6.05 -46.05 24.43
N GLU A 217 -4.98 -45.49 25.00
CA GLU A 217 -4.99 -45.10 26.39
C GLU A 217 -5.12 -43.59 26.50
N PHE A 218 -5.90 -43.11 27.47
CA PHE A 218 -6.32 -41.70 27.56
C PHE A 218 -5.80 -41.02 28.81
N PRO A 219 -5.75 -39.67 28.84
CA PRO A 219 -5.24 -38.95 30.02
C PRO A 219 -6.08 -39.17 31.26
N SER A 220 -5.46 -39.03 32.43
CA SER A 220 -6.17 -39.16 33.70
C SER A 220 -6.74 -37.81 34.11
N TYR A 221 -8.04 -37.83 34.38
CA TYR A 221 -8.78 -36.66 34.82
C TYR A 221 -9.95 -37.18 35.63
N THR A 222 -10.69 -36.26 36.25
CA THR A 222 -11.79 -36.65 37.12
C THR A 222 -13.13 -36.11 36.60
N ILE A 223 -14.01 -37.04 36.21
CA ILE A 223 -15.30 -36.70 35.63
C ILE A 223 -16.17 -36.02 36.65
N ASN A 224 -16.57 -34.79 36.35
CA ASN A 224 -17.50 -34.09 37.20
C ASN A 224 -18.44 -33.27 36.35
N ARG A 225 -19.67 -33.77 36.22
CA ARG A 225 -20.72 -33.05 35.50
C ARG A 225 -21.84 -32.62 36.44
N LYS A 226 -22.36 -31.43 36.21
CA LYS A 226 -23.39 -30.88 37.06
C LYS A 226 -24.47 -30.17 36.25
N THR A 227 -24.65 -30.58 35.00
CA THR A 227 -25.73 -30.04 34.15
C THR A 227 -26.14 -31.02 33.06
N HIS A 228 -27.41 -30.96 32.68
CA HIS A 228 -27.97 -31.75 31.59
C HIS A 228 -27.92 -30.98 30.28
N ILE A 229 -27.33 -31.61 29.27
CA ILE A 229 -27.32 -31.02 27.94
C ILE A 229 -28.73 -31.15 27.36
N PHE A 230 -29.27 -32.36 27.44
CA PHE A 230 -30.56 -32.66 26.84
C PHE A 230 -31.72 -32.66 27.85
N GLN A 231 -32.87 -32.21 27.38
CA GLN A 231 -34.07 -32.21 28.20
C GLN A 231 -34.57 -33.62 28.48
N ASP A 232 -34.59 -34.44 27.43
CA ASP A 232 -35.24 -35.74 27.45
C ASP A 232 -35.05 -36.42 26.09
N ARG A 233 -35.42 -37.70 26.01
CA ARG A 233 -35.23 -38.50 24.81
C ARG A 233 -35.75 -37.86 23.51
N ASP A 234 -36.70 -36.96 23.62
CA ASP A 234 -37.17 -36.28 22.41
C ASP A 234 -36.18 -35.23 21.98
N ASP A 235 -35.67 -34.45 22.95
CA ASP A 235 -34.72 -33.38 22.67
C ASP A 235 -33.55 -33.91 21.88
N LEU A 236 -32.91 -34.94 22.43
CA LEU A 236 -31.85 -35.64 21.72
C LEU A 236 -32.28 -36.08 20.31
N ILE A 237 -33.47 -36.65 20.18
CA ILE A 237 -33.92 -37.06 18.88
C ILE A 237 -33.99 -35.86 17.93
N ARG A 238 -34.56 -34.75 18.39
CA ARG A 238 -34.61 -33.51 17.60
C ARG A 238 -33.22 -33.07 17.18
N TYR A 239 -32.29 -33.08 18.13
CA TYR A 239 -30.88 -32.77 17.89
C TYR A 239 -30.31 -33.68 16.80
N ALA A 240 -30.23 -34.98 17.07
CA ALA A 240 -29.68 -35.95 16.13
C ALA A 240 -30.18 -35.72 14.72
N ALA A 241 -31.42 -35.23 14.59
CA ALA A 241 -32.05 -34.95 13.30
C ALA A 241 -31.39 -33.75 12.62
N ALA A 242 -31.21 -32.67 13.39
CA ALA A 242 -30.50 -31.48 12.95
C ALA A 242 -29.12 -31.87 12.42
N THR A 243 -28.46 -32.76 13.14
CA THR A 243 -27.18 -33.29 12.76
C THR A 243 -27.19 -33.99 11.41
N HIS A 244 -28.20 -34.83 11.15
CA HIS A 244 -28.22 -35.60 9.89
C HIS A 244 -28.53 -34.67 8.74
N MET A 245 -29.37 -33.68 9.02
CA MET A 245 -29.66 -32.63 8.06
C MET A 245 -28.38 -31.92 7.67
N LEU A 246 -27.74 -31.28 8.65
CA LEU A 246 -26.51 -30.52 8.47
C LEU A 246 -25.50 -31.29 7.66
N SER A 247 -25.35 -32.57 7.98
CA SER A 247 -24.44 -33.43 7.25
C SER A 247 -24.80 -33.52 5.76
N ASP A 248 -26.07 -33.75 5.47
CA ASP A 248 -26.52 -33.96 4.10
C ASP A 248 -26.35 -32.72 3.26
N ILE A 249 -26.52 -31.57 3.93
CA ILE A 249 -26.31 -30.27 3.32
C ILE A 249 -24.84 -30.14 2.93
N SER A 250 -23.95 -30.26 3.91
CA SER A 250 -22.53 -30.25 3.65
C SER A 250 -22.18 -31.25 2.57
N SER A 251 -22.71 -32.45 2.71
CA SER A 251 -22.48 -33.50 1.74
C SER A 251 -22.82 -33.00 0.35
N ALA A 252 -24.04 -32.47 0.20
CA ALA A 252 -24.50 -31.91 -1.07
C ALA A 252 -23.51 -30.86 -1.60
N MET A 253 -23.29 -29.79 -0.83
CA MET A 253 -22.30 -28.75 -1.17
C MET A 253 -21.00 -29.36 -1.62
N ALA A 254 -20.53 -30.34 -0.87
CA ALA A 254 -19.30 -31.02 -1.23
C ALA A 254 -19.37 -31.72 -2.60
N ASN A 255 -20.52 -32.26 -3.00
CA ASN A 255 -20.65 -32.86 -4.33
C ASN A 255 -21.09 -31.86 -5.38
N GLY A 256 -20.94 -30.58 -5.08
CA GLY A 256 -21.39 -29.53 -5.98
C GLY A 256 -22.86 -29.57 -6.38
N ASN A 257 -23.69 -30.30 -5.64
CA ASN A 257 -25.14 -30.32 -5.88
C ASN A 257 -25.80 -29.15 -5.17
N TRP A 258 -25.41 -27.96 -5.60
CA TRP A 258 -25.80 -26.71 -4.96
C TRP A 258 -27.31 -26.47 -5.02
N GLU A 259 -27.93 -26.99 -6.06
CA GLU A 259 -29.38 -26.86 -6.17
C GLU A 259 -30.10 -27.68 -5.10
N GLU A 260 -29.68 -28.92 -4.91
CA GLU A 260 -30.25 -29.75 -3.87
C GLU A 260 -29.99 -29.17 -2.48
N ALA A 261 -28.77 -28.65 -2.30
CA ALA A 261 -28.39 -28.01 -1.05
C ALA A 261 -29.30 -26.85 -0.68
N LYS A 262 -29.61 -25.99 -1.63
CA LYS A 262 -30.49 -24.85 -1.38
C LYS A 262 -31.81 -25.33 -0.78
N GLU A 263 -32.40 -26.35 -1.39
CA GLU A 263 -33.65 -26.94 -0.91
C GLU A 263 -33.53 -27.40 0.53
N LEU A 264 -32.60 -28.32 0.76
CA LEU A 264 -32.38 -28.92 2.07
C LEU A 264 -32.28 -27.89 3.16
N ALA A 265 -31.57 -26.79 2.86
CA ALA A 265 -31.38 -25.68 3.79
C ALA A 265 -32.67 -24.95 4.07
N GLN A 266 -33.35 -24.53 2.99
CA GLN A 266 -34.61 -23.79 3.08
C GLN A 266 -35.62 -24.63 3.79
N CYS A 267 -35.59 -25.92 3.47
CA CYS A 267 -36.39 -26.91 4.15
C CYS A 267 -36.08 -26.92 5.66
N ALA A 268 -34.80 -27.07 5.98
CA ALA A 268 -34.37 -27.01 7.36
C ALA A 268 -34.66 -25.65 8.03
N LYS A 269 -34.65 -24.57 7.26
CA LYS A 269 -34.92 -23.26 7.83
C LYS A 269 -36.33 -23.20 8.42
N ARG A 270 -37.30 -23.73 7.68
CA ARG A 270 -38.69 -23.85 8.15
C ARG A 270 -38.72 -24.67 9.44
N ASP A 271 -38.14 -25.86 9.37
CA ASP A 271 -38.06 -26.73 10.52
C ASP A 271 -37.62 -25.97 11.77
N TRP A 272 -36.62 -25.10 11.63
CA TRP A 272 -36.07 -24.36 12.76
C TRP A 272 -37.03 -23.28 13.23
N ASN A 273 -37.75 -22.69 12.29
CA ASN A 273 -38.74 -21.68 12.65
C ASN A 273 -39.96 -22.27 13.35
N ARG A 274 -40.35 -23.47 12.95
CA ARG A 274 -41.41 -24.19 13.62
C ARG A 274 -41.08 -24.43 15.10
N LEU A 275 -39.80 -24.65 15.41
CA LEU A 275 -39.42 -25.00 16.77
C LEU A 275 -39.37 -23.85 17.77
N LYS A 276 -39.35 -22.61 17.28
CA LYS A 276 -39.29 -21.43 18.17
C LYS A 276 -40.35 -21.51 19.26
N ASN A 277 -39.96 -21.23 20.49
CA ASN A 277 -40.86 -21.21 21.67
C ASN A 277 -40.93 -22.52 22.47
N HIS A 278 -40.69 -23.65 21.82
CA HIS A 278 -40.60 -24.93 22.50
C HIS A 278 -39.87 -24.76 23.85
N PRO A 279 -40.42 -25.34 24.92
CA PRO A 279 -39.87 -25.21 26.28
C PRO A 279 -38.38 -25.46 26.35
N SER A 280 -37.92 -26.49 25.63
CA SER A 280 -36.54 -26.98 25.71
C SER A 280 -35.50 -25.88 25.47
N LEU A 281 -35.84 -24.87 24.66
CA LEU A 281 -34.89 -23.82 24.28
C LEU A 281 -34.52 -22.85 25.40
N ARG A 282 -35.36 -22.75 26.43
CA ARG A 282 -35.09 -21.83 27.54
C ARG A 282 -33.90 -22.30 28.37
N CYS A 283 -33.82 -23.62 28.57
CA CYS A 283 -32.73 -24.22 29.31
C CYS A 283 -31.46 -24.15 28.48
N HIS A 284 -31.63 -24.32 27.16
CA HIS A 284 -30.53 -24.22 26.20
C HIS A 284 -29.84 -22.85 26.27
N GLU A 285 -30.60 -21.76 26.07
CA GLU A 285 -30.08 -20.38 26.15
C GLU A 285 -29.27 -20.11 27.41
N ASP A 286 -29.57 -20.89 28.44
CA ASP A 286 -29.01 -20.67 29.75
C ASP A 286 -27.74 -21.49 29.98
N LEU A 287 -27.53 -22.49 29.13
CA LEU A 287 -26.30 -23.30 29.16
C LEU A 287 -25.04 -22.47 28.91
N PRO A 288 -23.93 -22.80 29.60
CA PRO A 288 -22.66 -22.14 29.30
C PRO A 288 -22.22 -22.43 27.88
N LEU A 289 -21.38 -21.56 27.32
CA LEU A 289 -20.95 -21.70 25.93
C LEU A 289 -20.41 -23.06 25.55
N PHE A 290 -19.49 -23.60 26.34
CA PHE A 290 -18.85 -24.87 25.99
C PHE A 290 -19.81 -26.08 25.88
N LEU A 291 -21.04 -25.90 26.35
CA LEU A 291 -22.08 -26.94 26.26
C LEU A 291 -23.20 -26.54 25.32
N ARG A 292 -23.40 -25.24 25.17
CA ARG A 292 -24.47 -24.72 24.34
C ARG A 292 -24.33 -25.15 22.89
N CYS A 293 -23.11 -25.51 22.49
CA CYS A 293 -22.88 -25.99 21.14
C CYS A 293 -23.47 -27.36 20.84
N PHE A 294 -23.94 -28.05 21.88
CA PHE A 294 -24.60 -29.35 21.71
C PHE A 294 -26.12 -29.23 21.83
N THR A 295 -26.72 -28.29 21.09
CA THR A 295 -28.17 -28.15 21.12
C THR A 295 -28.70 -27.98 19.69
N VAL A 296 -30.02 -28.14 19.55
CA VAL A 296 -30.64 -27.91 18.25
C VAL A 296 -30.33 -26.49 17.79
N GLY A 297 -30.62 -25.50 18.64
CA GLY A 297 -30.36 -24.10 18.33
C GLY A 297 -29.03 -23.86 17.62
N TRP A 298 -27.95 -24.29 18.26
CA TRP A 298 -26.60 -24.21 17.71
C TRP A 298 -26.51 -24.81 16.30
N ILE A 299 -26.92 -26.08 16.18
CA ILE A 299 -26.82 -26.78 14.92
C ILE A 299 -27.64 -26.10 13.82
N TYR A 300 -28.74 -25.47 14.21
CA TYR A 300 -29.55 -24.80 13.21
C TYR A 300 -28.90 -23.52 12.72
N THR A 301 -28.25 -22.83 13.64
CA THR A 301 -27.41 -21.69 13.35
C THR A 301 -26.31 -22.16 12.41
N ARG A 302 -25.59 -23.19 12.81
CA ARG A 302 -24.55 -23.74 11.97
C ARG A 302 -25.07 -24.00 10.57
N ILE A 303 -26.30 -24.51 10.47
CA ILE A 303 -26.97 -24.73 9.18
C ILE A 303 -27.19 -23.43 8.40
N LEU A 304 -27.71 -22.42 9.10
CA LEU A 304 -27.92 -21.10 8.51
C LEU A 304 -26.62 -20.54 7.93
N SER A 305 -25.52 -20.71 8.66
CA SER A 305 -24.23 -20.33 8.12
C SER A 305 -23.95 -20.95 6.76
N ARG A 306 -24.01 -22.27 6.67
CA ARG A 306 -23.74 -22.94 5.39
C ARG A 306 -24.71 -22.40 4.37
N PHE A 307 -25.89 -21.98 4.83
CA PHE A 307 -26.92 -21.48 3.93
C PHE A 307 -26.47 -20.21 3.20
N VAL A 308 -25.89 -19.26 3.93
CA VAL A 308 -25.30 -18.08 3.29
C VAL A 308 -24.17 -18.53 2.39
N GLU A 309 -23.38 -19.51 2.84
CA GLU A 309 -22.31 -20.08 2.01
C GLU A 309 -22.87 -20.54 0.68
N ILE A 310 -24.07 -21.10 0.71
CA ILE A 310 -24.67 -21.63 -0.50
C ILE A 310 -25.17 -20.49 -1.36
N LEU A 311 -25.93 -19.59 -0.73
CA LEU A 311 -26.49 -18.43 -1.42
C LEU A 311 -25.38 -17.69 -2.21
N GLN A 312 -24.32 -17.30 -1.50
CA GLN A 312 -23.14 -16.70 -2.11
C GLN A 312 -22.72 -17.43 -3.38
N ARG A 313 -22.65 -18.76 -3.33
CA ARG A 313 -22.20 -19.54 -4.48
C ARG A 313 -23.15 -19.35 -5.66
N LEU A 314 -24.43 -19.32 -5.37
CA LEU A 314 -25.43 -19.14 -6.42
C LEU A 314 -25.57 -17.65 -6.77
N HIS A 315 -24.59 -16.87 -6.35
CA HIS A 315 -24.57 -15.44 -6.57
C HIS A 315 -25.87 -14.72 -6.16
N MET A 316 -26.56 -15.25 -5.14
CA MET A 316 -27.76 -14.62 -4.61
C MET A 316 -27.40 -13.81 -3.36
N TYR A 317 -26.89 -12.59 -3.57
CA TYR A 317 -26.21 -11.84 -2.50
C TYR A 317 -27.08 -10.99 -1.55
N GLU A 318 -28.21 -10.48 -2.05
CA GLU A 318 -29.09 -9.64 -1.23
C GLU A 318 -29.63 -10.52 -0.13
N GLU A 319 -29.99 -11.73 -0.56
CA GLU A 319 -30.48 -12.78 0.28
C GLU A 319 -29.41 -13.14 1.28
N ALA A 320 -28.22 -13.48 0.78
CA ALA A 320 -27.08 -13.80 1.66
C ALA A 320 -26.82 -12.73 2.72
N VAL A 321 -26.95 -11.46 2.36
CA VAL A 321 -26.79 -10.36 3.31
C VAL A 321 -27.88 -10.38 4.39
N ARG A 322 -29.13 -10.60 3.97
CA ARG A 322 -30.27 -10.74 4.89
C ARG A 322 -29.96 -11.71 6.02
N GLU A 323 -29.57 -12.92 5.63
CA GLU A 323 -29.28 -14.00 6.55
C GLU A 323 -28.14 -13.66 7.49
N LEU A 324 -27.07 -13.09 6.93
CA LEU A 324 -25.95 -12.63 7.72
C LEU A 324 -26.39 -11.63 8.79
N GLU A 325 -27.41 -10.85 8.48
CA GLU A 325 -27.89 -9.83 9.40
C GLU A 325 -28.63 -10.48 10.55
N SER A 326 -29.48 -11.45 10.21
CA SER A 326 -30.15 -12.28 11.20
C SER A 326 -29.12 -12.75 12.18
N LEU A 327 -28.25 -13.63 11.69
CA LEU A 327 -27.24 -14.27 12.51
C LEU A 327 -26.58 -13.25 13.44
N LEU A 328 -26.15 -12.13 12.87
CA LEU A 328 -25.39 -11.15 13.63
C LEU A 328 -26.21 -10.44 14.70
N SER A 329 -27.53 -10.42 14.55
CA SER A 329 -28.43 -9.73 15.50
C SER A 329 -28.63 -10.47 16.82
N GLN A 330 -28.57 -11.80 16.79
CA GLN A 330 -28.61 -12.58 18.03
C GLN A 330 -27.19 -12.78 18.58
N ARG A 331 -27.08 -13.02 19.88
CA ARG A 331 -25.78 -13.28 20.49
C ARG A 331 -25.79 -14.61 21.22
N ILE A 332 -26.89 -15.34 21.13
CA ILE A 332 -27.07 -16.64 21.77
C ILE A 332 -26.22 -17.76 21.15
N TYR A 333 -26.27 -17.90 19.82
CA TYR A 333 -25.63 -19.03 19.13
C TYR A 333 -24.36 -18.65 18.35
N CYS A 334 -23.37 -19.55 18.40
CA CYS A 334 -22.06 -19.39 17.72
C CYS A 334 -21.49 -17.96 17.72
N PRO A 335 -21.08 -17.45 18.89
CA PRO A 335 -20.41 -16.15 18.94
C PRO A 335 -19.04 -16.16 18.28
N ASP A 336 -18.32 -17.27 18.36
CA ASP A 336 -17.02 -17.41 17.70
C ASP A 336 -17.09 -17.12 16.20
N SER A 337 -18.28 -17.33 15.62
CA SER A 337 -18.45 -17.18 14.19
C SER A 337 -18.75 -15.75 13.75
N ARG A 338 -18.84 -14.83 14.70
CA ARG A 338 -19.26 -13.45 14.37
C ARG A 338 -18.16 -12.75 13.60
N GLY A 339 -16.92 -13.01 13.97
CA GLY A 339 -15.77 -12.53 13.21
C GLY A 339 -16.04 -12.80 11.75
N ARG A 340 -16.21 -14.07 11.43
CA ARG A 340 -16.47 -14.52 10.07
C ARG A 340 -17.66 -13.83 9.44
N TRP A 341 -18.73 -13.70 10.21
CA TRP A 341 -19.98 -13.19 9.64
C TRP A 341 -19.85 -11.75 9.21
N TRP A 342 -19.39 -10.92 10.13
CA TRP A 342 -19.11 -9.50 9.89
C TRP A 342 -18.28 -9.31 8.64
N ASP A 343 -17.11 -9.92 8.66
CA ASP A 343 -16.15 -9.91 7.56
C ASP A 343 -16.84 -10.17 6.24
N ARG A 344 -17.72 -11.15 6.26
CA ARG A 344 -18.41 -11.62 5.08
C ARG A 344 -19.51 -10.65 4.64
N LEU A 345 -20.19 -10.10 5.63
CA LEU A 345 -21.19 -9.09 5.39
C LEU A 345 -20.54 -7.87 4.72
N ALA A 346 -19.48 -7.38 5.38
CA ALA A 346 -18.61 -6.31 4.86
C ALA A 346 -18.32 -6.55 3.39
N LEU A 347 -17.58 -7.62 3.10
CA LEU A 347 -17.26 -7.97 1.71
C LEU A 347 -18.46 -7.82 0.79
N ASN A 348 -19.51 -8.59 1.07
CA ASN A 348 -20.69 -8.70 0.19
C ASN A 348 -21.33 -7.37 -0.16
N LEU A 349 -21.55 -6.54 0.87
CA LEU A 349 -22.12 -5.19 0.71
C LEU A 349 -21.20 -4.38 -0.18
N HIS A 350 -19.98 -4.16 0.30
CA HIS A 350 -18.97 -3.42 -0.43
C HIS A 350 -18.82 -3.91 -1.88
N GLN A 351 -18.52 -5.19 -2.03
CA GLN A 351 -18.10 -5.73 -3.31
C GLN A 351 -19.20 -6.08 -4.29
N HIS A 352 -20.25 -6.75 -3.82
CA HIS A 352 -21.23 -7.33 -4.72
C HIS A 352 -22.49 -6.51 -4.81
N LEU A 353 -22.77 -5.75 -3.76
CA LEU A 353 -23.91 -4.86 -3.76
C LEU A 353 -23.42 -3.42 -3.88
N LYS A 354 -22.10 -3.25 -3.94
CA LYS A 354 -21.45 -1.96 -4.08
C LYS A 354 -22.10 -0.85 -3.25
N ARG A 355 -22.26 -1.09 -1.96
CA ARG A 355 -23.06 -0.21 -1.12
C ARG A 355 -22.22 0.32 0.06
N LEU A 356 -21.63 1.51 -0.13
CA LEU A 356 -20.58 2.05 0.76
C LEU A 356 -21.00 2.55 2.16
N GLU A 357 -22.14 3.23 2.22
CA GLU A 357 -22.72 3.69 3.48
C GLU A 357 -22.77 2.56 4.51
N PRO A 358 -23.56 1.49 4.22
CA PRO A 358 -23.71 0.40 5.18
C PRO A 358 -22.37 -0.27 5.43
N THR A 359 -21.58 -0.41 4.37
CA THR A 359 -20.26 -1.02 4.52
C THR A 359 -19.52 -0.34 5.67
N ILE A 360 -19.57 0.99 5.71
CA ILE A 360 -18.88 1.72 6.78
C ILE A 360 -19.52 1.47 8.14
N LYS A 361 -20.85 1.51 8.20
CA LYS A 361 -21.60 1.16 9.41
C LYS A 361 -21.22 -0.23 9.87
N CYS A 362 -21.27 -1.18 8.93
CA CYS A 362 -20.89 -2.57 9.14
C CYS A 362 -19.49 -2.73 9.77
N ILE A 363 -18.48 -2.14 9.12
CA ILE A 363 -17.11 -2.19 9.61
C ILE A 363 -16.94 -1.67 11.04
N THR A 364 -17.62 -0.57 11.33
CA THR A 364 -17.46 0.12 12.60
C THR A 364 -18.08 -0.71 13.71
N GLU A 365 -19.27 -1.24 13.42
CA GLU A 365 -20.02 -2.08 14.34
C GLU A 365 -19.25 -3.35 14.67
N GLY A 366 -18.78 -4.01 13.61
CA GLY A 366 -17.92 -5.18 13.72
C GLY A 366 -16.70 -4.95 14.59
N LEU A 367 -15.93 -3.90 14.28
CA LEU A 367 -14.72 -3.59 15.05
C LEU A 367 -15.03 -3.31 16.51
N ALA A 368 -16.23 -2.79 16.75
CA ALA A 368 -16.73 -2.54 18.11
C ALA A 368 -16.89 -3.84 18.93
N ASP A 369 -17.25 -4.91 18.21
CA ASP A 369 -17.57 -6.21 18.79
C ASP A 369 -16.39 -6.96 19.39
N PRO A 370 -16.44 -7.20 20.72
CA PRO A 370 -15.40 -7.95 21.44
C PRO A 370 -15.31 -9.42 21.03
N GLU A 371 -16.24 -9.86 20.20
CA GLU A 371 -16.27 -11.25 19.77
C GLU A 371 -15.35 -11.47 18.59
N VAL A 372 -15.05 -10.40 17.83
CA VAL A 372 -14.17 -10.54 16.67
C VAL A 372 -12.70 -10.44 17.08
N ARG A 373 -11.85 -11.26 16.46
CA ARG A 373 -10.47 -11.45 16.93
C ARG A 373 -9.47 -11.63 15.78
N THR A 374 -8.20 -11.72 16.17
CA THR A 374 -7.11 -12.06 15.24
C THR A 374 -7.41 -11.71 13.77
N GLY A 375 -7.31 -12.70 12.89
CA GLY A 375 -7.48 -12.51 11.46
C GLY A 375 -8.62 -11.62 11.03
N HIS A 376 -9.84 -11.99 11.39
CA HIS A 376 -11.01 -11.27 10.91
C HIS A 376 -11.00 -9.84 11.34
N ARG A 377 -10.52 -9.59 12.56
CA ARG A 377 -10.45 -8.23 13.08
C ARG A 377 -9.53 -7.38 12.20
N LEU A 378 -8.38 -7.94 11.88
CA LEU A 378 -7.41 -7.27 11.02
C LEU A 378 -8.01 -7.05 9.65
N SER A 379 -8.55 -8.10 9.06
CA SER A 379 -9.19 -8.00 7.75
C SER A 379 -10.22 -6.87 7.72
N LEU A 380 -10.93 -6.68 8.82
CA LEU A 380 -11.89 -5.58 8.92
C LEU A 380 -11.16 -4.26 8.91
N TYR A 381 -10.22 -4.14 9.83
CA TYR A 381 -9.37 -2.94 9.95
C TYR A 381 -8.84 -2.47 8.60
N GLN A 382 -8.28 -3.39 7.83
CA GLN A 382 -7.69 -3.05 6.57
C GLN A 382 -8.72 -2.49 5.61
N ARG A 383 -9.89 -3.14 5.54
CA ARG A 383 -10.96 -2.67 4.66
C ARG A 383 -11.26 -1.23 4.99
N ALA A 384 -11.18 -0.88 6.27
CA ALA A 384 -11.42 0.47 6.71
C ALA A 384 -10.42 1.46 6.12
N VAL A 385 -9.12 1.18 6.26
CA VAL A 385 -8.06 2.07 5.77
C VAL A 385 -8.03 2.11 4.25
N ARG A 386 -8.41 1.01 3.61
CA ARG A 386 -8.60 1.00 2.17
C ARG A 386 -9.73 1.99 1.84
N LEU A 387 -10.78 1.95 2.66
CA LEU A 387 -11.99 2.70 2.38
C LEU A 387 -11.83 4.20 2.65
N ARG A 388 -11.18 4.53 3.76
CA ARG A 388 -11.01 5.94 4.17
C ARG A 388 -10.11 6.70 3.21
N GLU A 389 -9.14 5.99 2.64
CA GLU A 389 -8.12 6.60 1.83
C GLU A 389 -8.36 6.29 0.35
N SER A 390 -9.63 6.22 -0.02
CA SER A 390 -10.04 6.06 -1.40
C SER A 390 -10.73 7.33 -1.91
N PRO A 391 -10.42 7.74 -3.16
CA PRO A 391 -11.04 8.90 -3.80
C PRO A 391 -12.57 8.83 -3.85
N SER A 392 -13.10 7.87 -4.62
CA SER A 392 -14.54 7.72 -4.85
C SER A 392 -15.32 7.48 -3.56
N CYS A 393 -14.65 7.73 -2.44
CA CYS A 393 -15.20 7.53 -1.14
C CYS A 393 -15.12 8.82 -0.34
N LYS A 394 -13.96 9.49 -0.43
CA LYS A 394 -13.61 10.68 0.39
C LYS A 394 -14.71 11.70 0.72
N LYS A 395 -15.92 11.49 0.21
CA LYS A 395 -17.05 12.40 0.43
C LYS A 395 -17.68 12.25 1.84
N PHE A 396 -16.81 12.22 2.86
CA PHE A 396 -17.17 11.89 4.24
C PHE A 396 -15.97 12.15 5.14
N LYS A 397 -16.11 11.93 6.46
CA LYS A 397 -14.96 11.96 7.38
C LYS A 397 -15.10 10.95 8.54
N HIS A 398 -15.93 9.93 8.32
CA HIS A 398 -16.44 9.04 9.38
C HIS A 398 -15.62 7.74 9.61
N LEU A 399 -14.57 7.50 8.83
CA LEU A 399 -13.59 6.45 9.16
C LEU A 399 -12.24 7.02 9.55
N PHE A 400 -12.16 8.33 9.68
CA PHE A 400 -11.10 8.96 10.46
C PHE A 400 -11.40 8.67 11.92
N GLN A 401 -12.69 8.53 12.22
CA GLN A 401 -13.24 8.30 13.56
C GLN A 401 -12.34 7.48 14.49
N GLN A 402 -11.36 8.18 15.09
CA GLN A 402 -10.48 7.63 16.11
C GLN A 402 -10.19 6.14 15.92
N LEU A 403 -9.79 5.75 14.71
CA LEU A 403 -9.48 4.35 14.45
C LEU A 403 -8.13 4.02 15.05
N PRO A 404 -8.13 3.32 16.20
CA PRO A 404 -6.89 3.01 16.90
C PRO A 404 -5.93 2.34 15.92
N GLU A 405 -4.90 3.07 15.49
CA GLU A 405 -4.10 2.69 14.33
C GLU A 405 -3.28 1.40 14.52
N MET A 406 -3.98 0.26 14.47
CA MET A 406 -3.42 -1.08 14.66
C MET A 406 -2.46 -1.47 13.54
N ALA A 407 -1.22 -1.00 13.63
CA ALA A 407 -0.18 -1.36 12.69
C ALA A 407 0.35 -2.76 13.01
N VAL A 408 0.82 -3.49 11.99
CA VAL A 408 1.50 -4.78 12.17
C VAL A 408 2.94 -4.68 11.61
N GLN A 409 3.93 -5.08 12.41
CA GLN A 409 5.35 -4.93 12.04
C GLN A 409 5.72 -5.87 10.90
N ASP A 410 6.57 -5.40 10.00
CA ASP A 410 6.97 -6.17 8.82
C ASP A 410 8.13 -7.12 9.12
N VAL A 411 8.26 -8.17 8.31
CA VAL A 411 9.18 -9.29 8.60
C VAL A 411 10.06 -9.66 7.41
N LYS A 412 11.26 -10.15 7.70
CA LYS A 412 12.25 -10.53 6.69
C LYS A 412 11.72 -11.53 5.67
N HIS A 413 11.45 -11.05 4.47
CA HIS A 413 11.16 -11.92 3.34
C HIS A 413 12.46 -12.41 2.70
N VAL A 414 12.37 -13.52 1.97
CA VAL A 414 13.53 -14.24 1.40
C VAL A 414 13.00 -15.08 0.24
N THR A 415 13.82 -15.34 -0.76
CA THR A 415 13.37 -16.11 -1.90
C THR A 415 14.42 -17.13 -2.32
N ILE A 416 13.98 -18.35 -2.58
CA ILE A 416 14.83 -19.41 -3.11
C ILE A 416 14.14 -20.04 -4.33
N THR A 417 14.74 -21.11 -4.85
CA THR A 417 14.32 -21.69 -6.12
C THR A 417 14.47 -23.20 -6.19
N GLY A 418 13.51 -23.84 -6.87
CA GLY A 418 13.53 -25.28 -7.07
C GLY A 418 12.79 -25.69 -8.33
N ARG A 419 13.33 -26.67 -9.06
CA ARG A 419 12.74 -27.10 -10.32
C ARG A 419 11.51 -27.95 -10.07
N LEU A 420 10.36 -27.42 -10.50
CA LEU A 420 9.07 -28.05 -10.28
C LEU A 420 8.83 -29.15 -11.30
N CYS A 421 8.32 -30.28 -10.83
CA CYS A 421 7.91 -31.36 -11.73
C CYS A 421 6.43 -31.23 -12.07
N LYS A 428 -1.53 -30.52 -5.30
CA LYS A 428 -0.38 -29.95 -4.61
C LYS A 428 0.86 -30.03 -5.51
N SER A 429 1.63 -28.95 -5.54
CA SER A 429 2.85 -28.88 -6.35
C SER A 429 3.88 -29.89 -5.87
N VAL A 430 4.54 -30.54 -6.82
CA VAL A 430 5.64 -31.48 -6.53
C VAL A 430 6.93 -31.08 -7.24
N PHE A 431 8.00 -30.96 -6.45
CA PHE A 431 9.31 -30.55 -6.95
C PHE A 431 10.27 -31.72 -6.99
N VAL A 432 11.44 -31.48 -7.58
CA VAL A 432 12.52 -32.46 -7.61
C VAL A 432 13.80 -31.79 -7.11
N MET A 433 14.67 -32.58 -6.48
CA MET A 433 15.98 -32.08 -6.04
C MET A 433 17.05 -33.17 -6.15
N VAL A 444 15.28 -36.88 -6.62
CA VAL A 444 14.28 -37.18 -5.60
C VAL A 444 13.14 -36.15 -5.59
N LEU A 445 11.91 -36.65 -5.68
CA LEU A 445 10.68 -35.83 -5.62
C LEU A 445 10.38 -35.36 -4.18
N CYS A 446 9.80 -34.16 -4.05
CA CYS A 446 9.53 -33.58 -2.75
C CYS A 446 8.49 -32.46 -2.82
N SER A 447 8.13 -31.92 -1.66
CA SER A 447 7.20 -30.80 -1.57
C SER A 447 7.96 -29.50 -1.35
N VAL A 448 7.24 -28.38 -1.45
CA VAL A 448 7.78 -27.04 -1.22
C VAL A 448 8.45 -26.93 0.14
N GLU A 449 7.82 -27.56 1.13
CA GLU A 449 8.29 -27.53 2.51
C GLU A 449 9.60 -28.29 2.71
N GLU A 450 9.76 -29.41 2.02
CA GLU A 450 11.00 -30.18 2.08
C GLU A 450 12.11 -29.46 1.34
N LEU A 451 11.74 -28.80 0.25
CA LEU A 451 12.70 -28.04 -0.54
C LEU A 451 13.34 -26.93 0.31
N ALA A 452 12.52 -26.19 1.05
CA ALA A 452 13.01 -25.12 1.90
C ALA A 452 13.91 -25.64 3.00
N LEU A 453 13.57 -26.81 3.56
CA LEU A 453 14.40 -27.45 4.59
C LEU A 453 15.83 -27.63 4.12
N ALA A 454 15.98 -28.15 2.89
CA ALA A 454 17.28 -28.29 2.25
C ALA A 454 18.08 -26.98 2.32
N HIS A 455 17.47 -25.88 1.86
CA HIS A 455 18.13 -24.58 1.90
C HIS A 455 18.69 -24.24 3.27
N TYR A 456 17.90 -24.50 4.30
CA TYR A 456 18.25 -24.11 5.68
C TYR A 456 19.28 -25.03 6.31
N ARG A 457 19.39 -26.24 5.78
CA ARG A 457 20.48 -27.12 6.16
C ARG A 457 21.80 -26.55 5.63
N ARG A 458 21.84 -26.25 4.33
CA ARG A 458 23.03 -25.63 3.73
C ARG A 458 23.22 -24.17 4.17
N SER A 459 22.24 -23.61 4.88
CA SER A 459 22.42 -22.31 5.48
C SER A 459 22.95 -22.40 6.91
N GLY A 460 23.22 -23.62 7.38
CA GLY A 460 23.87 -23.82 8.68
C GLY A 460 23.06 -24.54 9.76
N PHE A 461 21.74 -24.52 9.62
CA PHE A 461 20.84 -25.16 10.58
C PHE A 461 20.65 -26.61 10.21
N ASP A 462 21.33 -27.47 10.97
CA ASP A 462 21.34 -28.91 10.71
C ASP A 462 20.03 -29.58 11.09
N GLN A 463 19.18 -28.85 11.81
CA GLN A 463 17.90 -29.38 12.29
C GLN A 463 16.71 -28.58 11.78
N GLY A 464 15.57 -29.27 11.64
CA GLY A 464 14.35 -28.63 11.18
C GLY A 464 13.12 -29.52 11.31
N ILE A 465 11.96 -28.91 11.49
CA ILE A 465 10.71 -29.66 11.65
C ILE A 465 9.54 -28.98 10.95
N HIS A 466 8.95 -29.72 10.03
CA HIS A 466 7.73 -29.30 9.34
C HIS A 466 6.50 -29.75 10.14
N GLY A 467 6.13 -28.94 11.12
CA GLY A 467 5.01 -29.27 12.00
C GLY A 467 3.88 -28.27 11.99
N GLU A 468 4.11 -27.12 11.33
CA GLU A 468 3.18 -25.99 11.32
C GLU A 468 2.76 -25.68 12.76
N GLY A 469 1.45 -25.69 12.99
CA GLY A 469 0.91 -25.48 14.32
C GLY A 469 1.14 -26.61 15.31
N SER A 470 1.18 -27.86 14.83
CA SER A 470 1.29 -28.99 15.76
C SER A 470 2.53 -28.91 16.63
N THR A 471 3.67 -28.55 16.05
CA THR A 471 4.91 -28.45 16.80
C THR A 471 4.71 -27.59 18.04
N PHE A 472 4.25 -26.35 17.85
CA PHE A 472 4.02 -25.44 18.96
C PHE A 472 2.96 -25.94 19.92
N SER A 473 1.96 -26.62 19.36
CA SER A 473 0.88 -27.15 20.14
C SER A 473 1.40 -28.22 21.08
N THR A 474 2.16 -29.19 20.56
CA THR A 474 2.58 -30.27 21.43
C THR A 474 3.60 -29.86 22.50
N LEU A 475 4.17 -28.65 22.38
CA LEU A 475 5.02 -28.13 23.44
C LEU A 475 4.14 -27.57 24.53
N TYR A 476 3.27 -26.63 24.14
CA TYR A 476 2.24 -26.07 25.02
C TYR A 476 1.51 -27.16 25.81
N GLY A 477 1.36 -28.32 25.19
CA GLY A 477 0.69 -29.46 25.79
C GLY A 477 1.57 -30.23 26.77
N LEU A 478 2.86 -30.33 26.46
CA LEU A 478 3.81 -30.95 27.37
C LEU A 478 4.13 -30.01 28.52
N LEU A 479 3.93 -28.72 28.30
CA LEU A 479 4.26 -27.76 29.34
C LEU A 479 3.09 -27.37 30.23
N LEU A 480 1.89 -27.89 29.95
CA LEU A 480 0.71 -27.52 30.75
C LEU A 480 -0.27 -28.66 30.94
N TRP A 481 0.19 -29.87 30.67
CA TRP A 481 -0.61 -31.08 30.71
C TRP A 481 -1.45 -31.20 31.97
N ASP A 482 -0.82 -31.00 33.11
CA ASP A 482 -1.48 -31.08 34.41
C ASP A 482 -2.47 -29.93 34.68
N ILE A 483 -2.18 -28.73 34.18
CA ILE A 483 -3.07 -27.59 34.31
C ILE A 483 -4.28 -27.79 33.42
N ILE A 484 -4.06 -28.42 32.26
CA ILE A 484 -5.12 -28.78 31.32
C ILE A 484 -6.10 -29.77 31.97
N PHE A 485 -5.58 -30.94 32.31
CA PHE A 485 -6.36 -32.02 32.91
C PHE A 485 -6.57 -31.86 34.41
N MET A 486 -6.45 -30.62 34.85
CA MET A 486 -6.61 -30.21 36.23
C MET A 486 -8.06 -30.31 36.66
N ASP A 487 -8.27 -30.60 37.94
CA ASP A 487 -9.61 -30.73 38.53
C ASP A 487 -10.09 -29.40 39.14
N GLY A 488 -11.41 -29.26 39.30
CA GLY A 488 -11.95 -28.09 39.98
C GLY A 488 -12.83 -27.22 39.11
N ILE A 489 -12.93 -27.60 37.84
CA ILE A 489 -13.78 -26.85 36.90
C ILE A 489 -15.00 -27.70 36.52
N PRO A 490 -16.19 -27.21 36.91
CA PRO A 490 -17.42 -27.98 36.73
C PRO A 490 -17.79 -28.17 35.26
N ASP A 491 -18.13 -29.42 34.90
CA ASP A 491 -18.81 -29.76 33.64
C ASP A 491 -17.94 -30.10 32.44
N VAL A 492 -16.64 -29.82 32.54
CA VAL A 492 -15.74 -29.97 31.39
C VAL A 492 -15.32 -31.42 31.16
N PHE A 493 -15.29 -32.21 32.22
CA PHE A 493 -15.10 -33.67 32.07
C PHE A 493 -16.40 -34.40 32.37
N ARG A 494 -16.76 -35.31 31.46
CA ARG A 494 -18.09 -35.84 31.43
C ARG A 494 -18.14 -37.33 31.19
N ASN A 495 -17.07 -37.88 30.64
CA ASN A 495 -16.95 -39.32 30.56
C ASN A 495 -15.60 -39.87 30.10
N ALA A 496 -15.62 -41.15 29.76
CA ALA A 496 -14.44 -42.01 29.84
C ALA A 496 -13.31 -41.72 28.88
N CYS A 497 -13.66 -41.26 27.68
CA CYS A 497 -12.64 -41.21 26.63
C CYS A 497 -12.24 -39.83 26.11
N GLN A 498 -12.30 -38.81 26.97
CA GLN A 498 -11.95 -37.48 26.52
C GLN A 498 -10.46 -37.31 26.25
N ALA A 499 -10.11 -36.33 25.42
CA ALA A 499 -8.71 -36.01 25.15
C ALA A 499 -8.42 -34.55 25.50
N PHE A 500 -9.44 -33.86 25.98
CA PHE A 500 -9.32 -32.47 26.37
C PHE A 500 -10.54 -32.10 27.20
N PRO A 501 -10.39 -31.11 28.09
CA PRO A 501 -11.55 -30.56 28.75
C PRO A 501 -12.37 -29.82 27.72
N LEU A 502 -13.69 -29.88 27.84
CA LEU A 502 -14.59 -29.29 26.86
C LEU A 502 -14.47 -27.76 26.75
N ASP A 503 -13.86 -27.09 27.73
CA ASP A 503 -13.82 -25.62 27.67
C ASP A 503 -12.58 -25.07 26.94
N LEU A 504 -11.72 -25.98 26.48
CA LEU A 504 -10.41 -25.66 25.90
C LEU A 504 -10.41 -24.58 24.82
N CYS A 505 -11.43 -24.56 23.96
CA CYS A 505 -11.54 -23.54 22.91
C CYS A 505 -12.55 -22.48 23.24
N THR A 506 -12.54 -21.99 24.47
CA THR A 506 -13.49 -20.95 24.93
C THR A 506 -12.80 -19.95 25.82
N ASP A 507 -13.23 -18.69 25.76
CA ASP A 507 -12.69 -17.66 26.65
C ASP A 507 -12.57 -18.17 28.07
N SER A 508 -13.57 -18.96 28.47
CA SER A 508 -13.65 -19.54 29.82
C SER A 508 -12.50 -20.45 30.24
N PHE A 509 -11.75 -21.03 29.30
CA PHE A 509 -10.68 -21.94 29.72
C PHE A 509 -9.65 -21.24 30.56
N PHE A 510 -9.23 -20.06 30.11
CA PHE A 510 -8.24 -19.26 30.84
C PHE A 510 -8.86 -18.67 32.08
N THR A 511 -10.01 -18.01 31.91
CA THR A 511 -10.70 -17.39 33.03
C THR A 511 -10.98 -18.40 34.16
N SER A 512 -11.38 -19.61 33.81
CA SER A 512 -11.65 -20.68 34.81
C SER A 512 -10.39 -21.29 35.43
N ARG A 513 -9.24 -20.66 35.20
CA ARG A 513 -7.96 -21.20 35.64
C ARG A 513 -6.91 -20.10 35.78
N ARG A 514 -7.36 -18.85 35.83
CA ARG A 514 -6.43 -17.72 35.87
C ARG A 514 -5.30 -17.90 36.89
N PRO A 515 -5.64 -18.26 38.14
CA PRO A 515 -4.59 -18.47 39.16
C PRO A 515 -3.45 -19.35 38.67
N ALA A 516 -3.72 -20.64 38.52
CA ALA A 516 -2.70 -21.65 38.18
C ALA A 516 -1.93 -21.36 36.89
N LEU A 517 -2.56 -20.63 35.96
CA LEU A 517 -1.95 -20.31 34.67
C LEU A 517 -0.99 -19.13 34.78
N GLU A 518 -1.51 -18.00 35.24
CA GLU A 518 -0.69 -16.82 35.53
C GLU A 518 0.60 -17.25 36.23
N ALA A 519 0.47 -18.20 37.16
CA ALA A 519 1.61 -18.84 37.80
C ALA A 519 2.54 -19.47 36.78
N ARG A 520 2.09 -20.56 36.15
CA ARG A 520 2.93 -21.36 35.26
C ARG A 520 3.52 -20.58 34.07
N LEU A 521 2.79 -19.57 33.58
CA LEU A 521 3.30 -18.75 32.48
C LEU A 521 4.50 -17.93 32.92
N GLN A 522 4.38 -17.33 34.10
CA GLN A 522 5.46 -16.61 34.75
C GLN A 522 6.70 -17.48 34.91
N LEU A 523 6.52 -18.61 35.58
CA LEU A 523 7.56 -19.60 35.88
C LEU A 523 8.33 -20.10 34.66
N ILE A 524 7.69 -20.07 33.50
CA ILE A 524 8.33 -20.45 32.25
C ILE A 524 9.12 -19.26 31.71
N HIS A 525 8.50 -18.08 31.77
CA HIS A 525 9.15 -16.88 31.28
C HIS A 525 10.52 -16.64 31.92
N ASP A 526 10.71 -17.19 33.12
CA ASP A 526 11.92 -16.98 33.89
C ASP A 526 12.84 -18.19 33.91
N ALA A 527 12.31 -19.37 33.59
CA ALA A 527 13.07 -20.61 33.72
C ALA A 527 14.44 -20.58 33.04
N PRO A 528 15.44 -21.20 33.66
CA PRO A 528 16.66 -21.52 32.95
C PRO A 528 16.44 -22.72 32.05
N GLU A 529 17.19 -22.77 30.96
CA GLU A 529 17.00 -23.79 29.93
C GLU A 529 17.40 -25.21 30.36
N GLU A 530 17.34 -25.48 31.66
CA GLU A 530 17.46 -26.84 32.18
C GLU A 530 16.16 -27.21 32.83
N SER A 531 15.55 -26.23 33.51
CA SER A 531 14.19 -26.37 34.04
C SER A 531 13.24 -26.81 32.93
N LEU A 532 13.30 -26.11 31.80
CA LEU A 532 12.56 -26.47 30.61
C LEU A 532 12.83 -27.91 30.21
N ARG A 533 14.08 -28.24 29.90
CA ARG A 533 14.45 -29.60 29.46
C ARG A 533 13.91 -30.67 30.41
N ALA A 534 13.87 -30.35 31.70
CA ALA A 534 13.37 -31.27 32.74
C ALA A 534 11.85 -31.37 32.74
N TRP A 535 11.19 -30.22 32.93
CA TRP A 535 9.74 -30.09 32.76
C TRP A 535 9.17 -30.97 31.64
N VAL A 536 9.78 -30.88 30.46
CA VAL A 536 9.41 -31.67 29.31
C VAL A 536 9.51 -33.19 29.58
N ALA A 537 10.64 -33.65 30.12
CA ALA A 537 10.85 -35.08 30.30
C ALA A 537 9.97 -35.74 31.37
N ALA A 538 9.38 -34.92 32.26
CA ALA A 538 8.41 -35.40 33.23
C ALA A 538 7.15 -35.88 32.49
N THR A 539 6.44 -34.90 31.92
CA THR A 539 5.30 -35.09 31.05
C THR A 539 5.55 -36.17 30.01
N TRP A 540 6.69 -36.11 29.35
CA TRP A 540 7.00 -37.10 28.33
C TRP A 540 7.01 -38.52 28.90
N HIS A 541 7.75 -38.72 29.98
CA HIS A 541 7.87 -40.05 30.59
C HIS A 541 6.57 -40.53 31.23
N GLU A 542 5.86 -39.63 31.89
CA GLU A 542 4.56 -39.96 32.49
C GLU A 542 3.44 -40.27 31.47
N GLN A 543 3.34 -39.47 30.41
CA GLN A 543 2.19 -39.52 29.52
C GLN A 543 2.41 -40.17 28.17
N GLU A 544 3.65 -40.48 27.81
CA GLU A 544 3.96 -40.87 26.43
C GLU A 544 3.04 -41.97 25.88
N GLY A 545 2.19 -41.59 24.93
CA GLY A 545 1.21 -42.52 24.30
C GLY A 545 -0.26 -42.21 24.58
N ARG A 546 -0.52 -41.66 25.76
CA ARG A 546 -1.85 -41.21 26.14
C ARG A 546 -2.39 -40.27 25.08
N VAL A 547 -3.56 -40.54 24.57
CA VAL A 547 -4.24 -39.69 23.61
C VAL A 547 -4.56 -38.32 24.23
N ALA A 548 -3.96 -37.25 23.72
CA ALA A 548 -4.40 -35.89 24.05
C ALA A 548 -4.43 -35.08 22.78
N SER A 549 -5.39 -34.16 22.71
CA SER A 549 -5.72 -33.44 21.47
C SER A 549 -4.61 -32.51 20.99
N LEU A 550 -3.83 -31.95 21.92
CA LEU A 550 -2.79 -30.96 21.56
C LEU A 550 -1.46 -31.62 21.26
N VAL A 551 -1.27 -32.83 21.76
CA VAL A 551 0.04 -33.47 21.73
C VAL A 551 0.10 -34.58 20.72
N SER A 552 1.15 -34.57 19.89
CA SER A 552 1.34 -35.61 18.89
C SER A 552 2.67 -36.27 19.19
N TRP A 553 2.62 -37.48 19.73
CA TRP A 553 3.82 -38.13 20.26
C TRP A 553 4.91 -38.36 19.23
N ASP A 554 4.54 -38.64 17.99
CA ASP A 554 5.52 -38.90 16.96
C ASP A 554 5.92 -37.63 16.21
N ARG A 555 5.35 -36.49 16.58
CA ARG A 555 5.77 -35.20 16.01
C ARG A 555 7.29 -34.97 16.11
N PHE A 556 7.89 -35.38 17.24
CA PHE A 556 9.35 -35.31 17.42
C PHE A 556 9.96 -36.70 17.37
N THR A 557 11.08 -36.87 16.65
CA THR A 557 11.72 -38.20 16.49
C THR A 557 12.08 -38.89 17.79
N SER A 558 12.28 -38.10 18.85
CA SER A 558 12.64 -38.63 20.17
C SER A 558 12.36 -37.58 21.22
N LEU A 559 12.45 -37.98 22.49
CA LEU A 559 12.34 -37.03 23.58
C LEU A 559 13.53 -36.10 23.52
N GLN A 560 14.66 -36.64 23.08
CA GLN A 560 15.89 -35.87 23.01
C GLN A 560 15.67 -34.64 22.15
N GLN A 561 15.17 -34.86 20.93
CA GLN A 561 14.93 -33.78 19.95
C GLN A 561 14.02 -32.71 20.52
N ALA A 562 13.05 -33.15 21.32
CA ALA A 562 12.11 -32.26 21.97
C ALA A 562 12.81 -31.29 22.94
N GLN A 563 13.82 -31.82 23.64
CA GLN A 563 14.58 -31.03 24.60
C GLN A 563 15.48 -29.97 23.95
N ASP A 564 16.11 -30.32 22.84
CA ASP A 564 16.99 -29.39 22.13
C ASP A 564 16.21 -28.15 21.75
N LEU A 565 15.02 -28.39 21.19
CA LEU A 565 14.17 -27.34 20.65
C LEU A 565 13.76 -26.32 21.70
N VAL A 566 13.30 -26.81 22.85
CA VAL A 566 12.92 -25.90 23.94
C VAL A 566 14.11 -25.13 24.50
N SER A 567 15.29 -25.73 24.41
CA SER A 567 16.50 -25.05 24.84
C SER A 567 16.74 -23.80 23.99
N CYS A 568 16.66 -23.95 22.68
CA CYS A 568 16.86 -22.83 21.77
C CYS A 568 15.74 -21.80 21.87
N LEU A 569 14.51 -22.27 22.00
CA LEU A 569 13.34 -21.40 22.06
C LEU A 569 13.36 -20.52 23.31
N GLY A 570 13.41 -21.19 24.46
CA GLY A 570 13.67 -20.56 25.75
C GLY A 570 12.55 -19.72 26.35
N GLY A 571 12.27 -20.03 27.62
CA GLY A 571 11.45 -19.23 28.53
C GLY A 571 10.55 -18.16 27.95
N PRO A 572 11.07 -16.92 27.77
CA PRO A 572 10.25 -15.77 27.35
C PRO A 572 9.44 -16.05 26.10
N VAL A 573 10.04 -16.72 25.12
CA VAL A 573 9.36 -17.08 23.87
C VAL A 573 8.25 -18.11 24.12
N LEU A 574 8.62 -19.27 24.66
CA LEU A 574 7.66 -20.30 24.99
C LEU A 574 6.50 -19.71 25.80
N SER A 575 6.81 -19.09 26.94
CA SER A 575 5.80 -18.45 27.80
C SER A 575 4.84 -17.56 27.02
N GLY A 576 5.38 -16.72 26.14
CA GLY A 576 4.58 -15.81 25.33
C GLY A 576 3.62 -16.52 24.37
N VAL A 577 4.14 -17.51 23.65
CA VAL A 577 3.31 -18.35 22.78
C VAL A 577 2.17 -18.99 23.59
N CYS A 578 2.53 -19.71 24.64
CA CYS A 578 1.56 -20.34 25.53
C CYS A 578 0.42 -19.41 25.98
N ARG A 579 0.74 -18.15 26.27
CA ARG A 579 -0.27 -17.21 26.68
C ARG A 579 -1.39 -17.09 25.65
N HIS A 580 -1.05 -17.07 24.37
CA HIS A 580 -2.08 -16.95 23.34
C HIS A 580 -2.86 -18.23 23.16
N LEU A 581 -2.15 -19.35 23.21
CA LEU A 581 -2.79 -20.66 23.09
C LEU A 581 -3.76 -21.00 24.24
N ALA A 582 -3.47 -20.52 25.44
CA ALA A 582 -4.39 -20.68 26.56
C ALA A 582 -5.50 -19.65 26.48
N ALA A 583 -5.14 -18.40 26.19
CA ALA A 583 -6.08 -17.27 26.15
C ALA A 583 -7.13 -17.35 25.02
N ASP A 584 -6.80 -18.06 23.94
CA ASP A 584 -7.68 -18.01 22.77
C ASP A 584 -7.40 -19.11 21.74
N PHE A 585 -7.25 -20.35 22.19
CA PHE A 585 -6.91 -21.43 21.27
C PHE A 585 -7.83 -21.45 20.07
N ARG A 586 -9.07 -21.06 20.30
CA ARG A 586 -10.07 -21.01 19.24
C ARG A 586 -9.59 -20.22 18.04
N HIS A 587 -9.05 -19.02 18.29
CA HIS A 587 -8.66 -18.08 17.22
C HIS A 587 -7.15 -17.99 16.94
N CYS A 588 -6.39 -18.89 17.55
CA CYS A 588 -4.94 -18.85 17.47
C CYS A 588 -4.36 -20.15 16.92
N ARG A 589 -5.03 -21.26 17.19
CA ARG A 589 -4.55 -22.58 16.77
C ARG A 589 -4.01 -22.55 15.35
N GLY A 590 -4.53 -21.65 14.52
CA GLY A 590 -4.10 -21.55 13.14
C GLY A 590 -3.27 -20.33 12.79
N GLY A 591 -2.28 -20.55 11.92
CA GLY A 591 -1.48 -19.45 11.38
C GLY A 591 0.00 -19.46 11.73
N LEU A 592 0.41 -20.48 12.46
CA LEU A 592 1.82 -20.62 12.80
C LEU A 592 2.56 -20.99 11.54
N PRO A 593 3.83 -20.56 11.42
CA PRO A 593 4.72 -20.90 10.33
C PRO A 593 4.89 -22.40 10.10
N ASP A 594 4.98 -22.80 8.82
CA ASP A 594 5.23 -24.18 8.41
C ASP A 594 6.40 -24.83 9.14
N LEU A 595 7.47 -24.07 9.39
CA LEU A 595 8.75 -24.61 9.82
C LEU A 595 9.38 -24.06 11.10
N VAL A 596 10.07 -24.95 11.80
CA VAL A 596 11.04 -24.56 12.82
C VAL A 596 12.33 -25.25 12.42
N VAL A 597 13.40 -24.47 12.25
CA VAL A 597 14.73 -25.01 11.97
C VAL A 597 15.75 -24.45 12.98
N TRP A 598 16.70 -25.28 13.36
CA TRP A 598 17.73 -24.81 14.26
C TRP A 598 19.08 -25.50 14.04
N ASN A 599 20.14 -24.76 14.36
CA ASN A 599 21.50 -25.28 14.30
C ASN A 599 21.93 -25.90 15.64
N SER A 600 22.30 -27.17 15.56
CA SER A 600 22.66 -28.00 16.70
C SER A 600 23.57 -27.31 17.71
N GLN A 601 24.69 -26.77 17.21
CA GLN A 601 25.75 -26.18 18.04
C GLN A 601 25.63 -24.68 18.34
N SER A 602 25.20 -23.87 17.36
CA SER A 602 25.05 -22.43 17.60
C SER A 602 23.86 -22.15 18.52
N ARG A 603 22.86 -23.03 18.46
CA ARG A 603 21.63 -22.94 19.25
C ARG A 603 20.69 -21.86 18.73
N HIS A 604 21.00 -21.29 17.56
CA HIS A 604 20.12 -20.31 16.95
C HIS A 604 19.07 -21.05 16.18
N PHE A 605 17.84 -20.55 16.29
CA PHE A 605 16.69 -21.18 15.65
C PHE A 605 16.03 -20.18 14.69
N LYS A 606 15.26 -20.73 13.77
CA LYS A 606 14.54 -19.90 12.83
C LYS A 606 13.14 -20.46 12.54
N LEU A 607 12.15 -19.55 12.54
CA LEU A 607 10.76 -19.87 12.23
C LEU A 607 10.39 -19.39 10.85
N VAL A 608 9.89 -20.32 10.03
CA VAL A 608 9.80 -20.10 8.60
C VAL A 608 8.42 -20.42 8.05
N GLU A 609 7.73 -19.44 7.48
CA GLU A 609 6.55 -19.77 6.68
C GLU A 609 6.94 -19.91 5.20
N VAL A 610 6.78 -21.13 4.68
CA VAL A 610 7.09 -21.47 3.30
C VAL A 610 5.90 -21.15 2.40
N LYS A 611 6.14 -20.28 1.43
CA LYS A 611 5.13 -19.91 0.45
C LYS A 611 5.51 -20.37 -0.93
N GLY A 612 4.62 -21.14 -1.55
CA GLY A 612 4.79 -21.49 -2.94
C GLY A 612 4.65 -20.26 -3.83
N PRO A 613 4.85 -20.44 -5.16
CA PRO A 613 4.65 -19.35 -6.10
C PRO A 613 3.19 -18.90 -6.12
N ASN A 614 2.28 -19.82 -5.76
CA ASN A 614 0.85 -19.56 -5.88
C ASN A 614 0.03 -19.49 -4.59
N ASP A 615 0.62 -18.92 -3.53
CA ASP A 615 -0.16 -18.48 -2.37
C ASP A 615 0.56 -17.39 -1.57
N ARG A 616 -0.19 -16.65 -0.75
CA ARG A 616 0.33 -15.51 -0.02
C ARG A 616 0.16 -15.67 1.49
N LEU A 617 0.47 -14.60 2.23
CA LEU A 617 0.25 -14.59 3.67
C LEU A 617 -1.21 -14.32 3.99
N SER A 618 -1.81 -15.15 4.85
CA SER A 618 -3.16 -14.93 5.38
C SER A 618 -3.06 -14.06 6.63
N HIS A 619 -4.14 -13.35 6.94
CA HIS A 619 -4.17 -12.47 8.10
C HIS A 619 -3.74 -13.17 9.37
N LYS A 620 -4.21 -14.41 9.54
CA LYS A 620 -3.89 -15.19 10.73
C LYS A 620 -2.39 -15.44 10.86
N GLN A 621 -1.75 -15.65 9.71
CA GLN A 621 -0.31 -15.87 9.65
C GLN A 621 0.52 -14.63 10.01
N MET A 622 0.14 -13.47 9.47
CA MET A 622 0.90 -12.26 9.73
C MET A 622 0.79 -11.76 11.17
N ILE A 623 -0.41 -11.81 11.74
CA ILE A 623 -0.61 -11.51 13.16
C ILE A 623 0.38 -12.29 14.02
N TRP A 624 0.50 -13.58 13.76
CA TRP A 624 1.43 -14.46 14.46
C TRP A 624 2.88 -14.03 14.28
N LEU A 625 3.25 -13.72 13.04
CA LEU A 625 4.62 -13.37 12.71
C LEU A 625 5.08 -12.12 13.44
N ALA A 626 4.22 -11.10 13.47
CA ALA A 626 4.49 -9.89 14.24
C ALA A 626 4.74 -10.30 15.68
N GLU A 627 3.81 -11.11 16.18
CA GLU A 627 3.80 -11.53 17.57
C GLU A 627 5.04 -12.30 18.01
N LEU A 628 5.52 -13.21 17.16
CA LEU A 628 6.73 -13.97 17.42
C LEU A 628 8.00 -13.09 17.45
N GLN A 629 8.00 -12.04 16.63
CA GLN A 629 9.10 -11.09 16.59
C GLN A 629 9.18 -10.26 17.87
N LYS A 630 8.05 -9.72 18.32
CA LYS A 630 7.97 -8.96 19.58
C LYS A 630 8.50 -9.76 20.73
N LEU A 631 8.27 -11.07 20.68
CA LEU A 631 8.87 -12.00 21.62
C LEU A 631 10.36 -12.17 21.34
N GLY A 632 10.77 -11.65 20.19
CA GLY A 632 12.17 -11.70 19.77
C GLY A 632 12.59 -13.05 19.24
N ALA A 633 12.11 -13.41 18.06
CA ALA A 633 12.52 -14.67 17.47
C ALA A 633 12.80 -14.52 16.00
N GLU A 634 13.76 -15.32 15.52
CA GLU A 634 14.18 -15.27 14.13
C GLU A 634 13.08 -15.75 13.17
N VAL A 635 12.29 -14.80 12.67
CA VAL A 635 11.14 -15.12 11.81
C VAL A 635 11.33 -14.72 10.36
N GLU A 636 10.92 -15.60 9.46
CA GLU A 636 11.27 -15.47 8.04
C GLU A 636 10.19 -16.07 7.13
N VAL A 637 9.85 -15.32 6.09
CA VAL A 637 8.99 -15.83 5.05
C VAL A 637 9.86 -16.27 3.90
N CYS A 638 9.65 -17.49 3.42
CA CYS A 638 10.50 -18.07 2.39
C CYS A 638 9.69 -18.49 1.17
N HIS A 639 9.75 -17.67 0.13
CA HIS A 639 9.04 -17.97 -1.11
C HIS A 639 9.86 -18.91 -1.96
N VAL A 640 9.17 -19.71 -2.76
CA VAL A 640 9.82 -20.62 -3.68
C VAL A 640 9.43 -20.28 -5.11
N VAL A 641 10.44 -20.24 -5.98
CA VAL A 641 10.23 -20.02 -7.41
C VAL A 641 10.62 -21.25 -8.24
N ALA A 642 9.79 -21.58 -9.22
CA ALA A 642 9.92 -22.81 -10.00
C ALA A 642 10.61 -22.60 -11.35
N VAL A 643 11.15 -23.69 -11.91
CA VAL A 643 11.74 -23.68 -13.26
C VAL A 643 11.20 -24.85 -14.08
N THR B 13 -1.95 29.24 -43.48
CA THR B 13 -0.66 29.21 -44.24
C THR B 13 0.59 29.21 -43.34
N GLY B 14 0.45 29.73 -42.11
CA GLY B 14 1.57 29.83 -41.17
C GLY B 14 2.04 28.50 -40.61
N HIS B 15 3.22 28.53 -39.99
CA HIS B 15 3.76 27.35 -39.32
C HIS B 15 2.99 27.05 -38.03
N PRO B 16 3.02 25.78 -37.58
CA PRO B 16 2.57 25.42 -36.22
C PRO B 16 3.42 26.07 -35.13
N TYR B 17 2.78 26.38 -34.00
CA TYR B 17 3.37 27.20 -32.94
C TYR B 17 4.79 26.76 -32.52
N TYR B 18 4.97 25.45 -32.40
CA TYR B 18 6.22 24.89 -31.92
C TYR B 18 7.38 25.15 -32.85
N LEU B 19 7.14 24.97 -34.16
CA LEU B 19 8.16 25.29 -35.16
C LEU B 19 8.47 26.78 -35.17
N ARG B 20 7.45 27.63 -35.13
CA ARG B 20 7.67 29.06 -35.09
C ARG B 20 8.69 29.40 -34.02
N SER B 21 8.37 29.04 -32.77
CA SER B 21 9.19 29.39 -31.60
C SER B 21 10.60 28.84 -31.65
N PHE B 22 10.74 27.63 -32.20
CA PHE B 22 12.03 26.99 -32.40
C PHE B 22 12.90 27.80 -33.36
N LEU B 23 12.26 28.32 -34.41
CA LEU B 23 12.93 29.10 -35.43
C LEU B 23 13.36 30.46 -34.88
N VAL B 24 12.51 31.06 -34.04
CA VAL B 24 12.84 32.30 -33.34
C VAL B 24 14.11 32.17 -32.51
N VAL B 25 14.30 31.02 -31.90
CA VAL B 25 15.52 30.78 -31.12
C VAL B 25 16.77 30.84 -31.99
N LEU B 26 16.77 30.06 -33.07
CA LEU B 26 17.91 29.94 -34.01
C LEU B 26 18.30 31.27 -34.62
N LYS B 27 17.31 31.95 -35.22
CA LYS B 27 17.49 33.30 -35.75
C LYS B 27 18.24 34.20 -34.77
N THR B 28 17.67 34.36 -33.58
CA THR B 28 18.22 35.19 -32.48
C THR B 28 19.70 34.96 -32.17
N VAL B 29 20.09 33.69 -32.08
CA VAL B 29 21.46 33.32 -31.72
C VAL B 29 22.36 33.40 -32.93
N LEU B 30 21.85 32.92 -34.07
CA LEU B 30 22.60 32.90 -35.33
C LEU B 30 23.15 34.27 -35.72
N GLU B 31 22.38 35.32 -35.45
CA GLU B 31 22.78 36.69 -35.79
C GLU B 31 23.71 37.39 -34.78
N ASN B 32 24.20 36.66 -33.79
CA ASN B 32 25.27 37.17 -32.93
C ASN B 32 26.62 36.73 -33.42
N GLU B 33 27.40 37.69 -33.89
CA GLU B 33 28.75 37.40 -34.36
C GLU B 33 29.65 36.97 -33.21
N ASP B 34 29.41 37.51 -32.02
CA ASP B 34 30.17 37.14 -30.81
C ASP B 34 29.91 35.71 -30.40
N ASP B 35 28.69 35.25 -30.68
CA ASP B 35 28.25 33.89 -30.33
C ASP B 35 28.58 32.86 -31.39
N MET B 36 28.46 33.25 -32.66
CA MET B 36 28.86 32.37 -33.76
C MET B 36 30.35 31.96 -33.71
N LEU B 37 31.14 32.67 -32.92
CA LEU B 37 32.56 32.35 -32.72
C LEU B 37 32.78 31.10 -31.89
N LEU B 38 31.71 30.61 -31.27
CA LEU B 38 31.82 29.53 -30.31
C LEU B 38 31.29 28.21 -30.88
N PHE B 39 31.16 28.17 -32.20
CA PHE B 39 30.78 26.96 -32.90
C PHE B 39 31.76 26.69 -34.04
N ASP B 40 32.24 25.45 -34.15
CA ASP B 40 33.14 25.09 -35.25
C ASP B 40 32.40 24.82 -36.54
N GLU B 41 33.14 24.56 -37.61
CA GLU B 41 32.56 24.46 -38.95
C GLU B 41 31.55 23.34 -39.08
N GLN B 42 32.00 22.15 -38.70
CA GLN B 42 31.19 20.95 -38.67
C GLN B 42 29.81 21.24 -38.08
N GLU B 43 29.81 21.87 -36.91
CA GLU B 43 28.59 22.23 -36.17
C GLU B 43 27.64 23.15 -36.95
N LYS B 44 28.21 24.24 -37.48
CA LYS B 44 27.45 25.23 -38.26
C LYS B 44 26.78 24.59 -39.48
N GLY B 45 27.40 23.54 -40.00
CA GLY B 45 26.85 22.77 -41.12
C GLY B 45 25.53 22.08 -40.83
N ILE B 46 25.40 21.60 -39.60
CA ILE B 46 24.20 20.93 -39.09
C ILE B 46 22.99 21.88 -39.04
N VAL B 47 23.24 23.13 -38.66
CA VAL B 47 22.21 24.16 -38.68
C VAL B 47 21.67 24.30 -40.10
N THR B 48 22.60 24.43 -41.06
CA THR B 48 22.25 24.68 -42.45
C THR B 48 21.46 23.51 -43.04
N LYS B 49 21.91 22.29 -42.72
CA LYS B 49 21.20 21.07 -43.06
C LYS B 49 19.76 21.08 -42.57
N PHE B 50 19.52 21.73 -41.44
CA PHE B 50 18.19 21.81 -40.83
C PHE B 50 17.30 22.70 -41.70
N TYR B 51 17.83 23.86 -42.05
CA TYR B 51 17.11 24.83 -42.89
C TYR B 51 16.83 24.24 -44.27
N GLN B 52 17.69 23.31 -44.67
CA GLN B 52 17.55 22.60 -45.94
C GLN B 52 16.51 21.48 -45.94
N LEU B 53 15.72 21.37 -44.87
CA LEU B 53 14.66 20.34 -44.81
C LEU B 53 13.32 20.91 -45.21
N SER B 54 12.43 20.01 -45.61
CA SER B 54 11.07 20.38 -45.93
C SER B 54 10.42 20.92 -44.68
N ALA B 55 9.36 21.71 -44.85
CA ALA B 55 8.57 22.17 -43.71
C ALA B 55 8.15 20.97 -42.87
N THR B 56 7.79 19.88 -43.54
CA THR B 56 7.41 18.61 -42.91
C THR B 56 8.55 18.02 -42.07
N GLY B 57 9.75 17.98 -42.65
CA GLY B 57 10.93 17.40 -41.99
C GLY B 57 11.39 18.21 -40.78
N GLN B 58 11.15 19.52 -40.83
CA GLN B 58 11.44 20.41 -39.72
C GLN B 58 10.41 20.23 -38.61
N LYS B 59 9.14 20.13 -39.01
CA LYS B 59 8.04 19.89 -38.08
C LYS B 59 8.27 18.64 -37.25
N LEU B 60 8.64 17.55 -37.90
CA LEU B 60 8.88 16.29 -37.21
C LEU B 60 10.08 16.36 -36.28
N TYR B 61 11.12 17.08 -36.67
CA TYR B 61 12.33 17.14 -35.86
C TYR B 61 12.06 17.82 -34.53
N VAL B 62 11.38 18.97 -34.59
CA VAL B 62 11.12 19.72 -33.38
C VAL B 62 10.27 18.86 -32.43
N ARG B 63 9.23 18.22 -32.98
CA ARG B 63 8.36 17.31 -32.23
C ARG B 63 9.15 16.35 -31.33
N LEU B 64 10.07 15.63 -31.94
CA LEU B 64 10.92 14.66 -31.23
C LEU B 64 12.07 15.29 -30.44
N PHE B 65 12.47 16.50 -30.83
CA PHE B 65 13.46 17.25 -30.07
C PHE B 65 12.86 17.57 -28.70
N GLN B 66 11.57 17.91 -28.72
CA GLN B 66 10.78 18.19 -27.52
C GLN B 66 10.55 16.94 -26.69
N ARG B 67 10.25 15.82 -27.35
CA ARG B 67 10.02 14.55 -26.65
C ARG B 67 11.24 14.10 -25.86
N LYS B 68 11.02 13.13 -24.98
CA LYS B 68 12.11 12.54 -24.24
C LYS B 68 12.98 11.80 -25.25
N LEU B 69 14.30 11.91 -25.07
CA LEU B 69 15.27 11.33 -26.01
C LEU B 69 15.48 9.84 -25.73
N SER B 70 14.90 9.00 -26.58
CA SER B 70 15.02 7.55 -26.48
C SER B 70 14.29 6.93 -27.66
N TRP B 71 14.54 5.64 -27.88
CA TRP B 71 13.92 4.93 -29.00
C TRP B 71 12.40 5.00 -28.95
N ILE B 72 11.78 5.04 -30.13
CA ILE B 72 10.32 5.23 -30.24
C ILE B 72 9.78 4.27 -31.30
N LYS B 73 8.82 3.43 -30.90
CA LYS B 73 8.15 2.54 -31.84
C LYS B 73 7.48 3.31 -32.96
N MET B 74 7.59 2.79 -34.18
CA MET B 74 7.08 3.45 -35.37
C MET B 74 5.57 3.53 -35.37
N THR B 75 4.97 2.67 -34.56
CA THR B 75 3.51 2.58 -34.44
C THR B 75 3.01 3.57 -33.39
N LYS B 76 3.95 4.06 -32.58
CA LYS B 76 3.65 5.06 -31.57
C LYS B 76 3.93 6.49 -32.07
N LEU B 77 4.27 6.60 -33.36
CA LEU B 77 4.48 7.90 -34.01
C LEU B 77 3.27 8.28 -34.84
N GLU B 78 2.68 9.42 -34.54
CA GLU B 78 1.49 9.86 -35.25
C GLU B 78 1.23 11.36 -35.10
N TYR B 79 1.47 12.09 -36.19
CA TYR B 79 1.23 13.51 -36.25
C TYR B 79 0.58 13.78 -37.61
N GLU B 80 -0.72 13.98 -37.62
CA GLU B 80 -1.43 14.15 -38.89
C GLU B 80 -1.30 15.56 -39.47
N GLU B 81 -1.09 16.55 -38.62
CA GLU B 81 -0.78 17.91 -39.08
C GLU B 81 0.59 17.97 -39.79
N ILE B 82 1.33 16.85 -39.73
CA ILE B 82 2.63 16.72 -40.37
C ILE B 82 2.57 15.84 -41.64
N ALA B 83 2.00 14.65 -41.51
CA ALA B 83 1.87 13.70 -42.62
C ALA B 83 1.03 12.50 -42.18
N LEU B 84 0.14 12.04 -43.05
CA LEU B 84 -0.69 10.88 -42.74
C LEU B 84 0.12 9.59 -42.72
N ASP B 85 1.24 9.58 -43.46
CA ASP B 85 2.23 8.52 -43.38
C ASP B 85 3.61 9.15 -43.25
N LEU B 86 4.38 8.67 -42.28
CA LEU B 86 5.61 9.35 -41.87
C LEU B 86 6.90 8.74 -42.43
N THR B 87 6.79 7.64 -43.17
CA THR B 87 7.97 6.91 -43.67
C THR B 87 8.83 7.72 -44.66
N PRO B 88 8.19 8.45 -45.61
CA PRO B 88 8.97 9.39 -46.42
C PRO B 88 9.77 10.36 -45.54
N VAL B 89 9.04 11.07 -44.68
CA VAL B 89 9.61 12.04 -43.75
C VAL B 89 10.73 11.43 -42.91
N ILE B 90 10.45 10.28 -42.28
CA ILE B 90 11.44 9.57 -41.46
C ILE B 90 12.72 9.32 -42.25
N GLU B 91 12.57 8.84 -43.48
CA GLU B 91 13.74 8.55 -44.29
C GLU B 91 14.56 9.80 -44.53
N GLU B 92 13.90 10.88 -44.94
CA GLU B 92 14.58 12.16 -45.18
C GLU B 92 15.53 12.52 -44.04
N LEU B 93 15.02 12.38 -42.82
CA LEU B 93 15.74 12.75 -41.61
C LEU B 93 16.88 11.79 -41.31
N THR B 94 16.68 10.51 -41.59
CA THR B 94 17.72 9.48 -41.44
C THR B 94 18.81 9.69 -42.48
N ASN B 95 18.39 9.99 -43.72
CA ASN B 95 19.30 10.37 -44.79
C ASN B 95 20.17 11.57 -44.39
N ALA B 96 19.51 12.63 -43.93
CA ALA B 96 20.17 13.82 -43.41
C ALA B 96 21.12 13.52 -42.24
N GLY B 97 20.90 12.40 -41.55
CA GLY B 97 21.69 12.02 -40.37
C GLY B 97 21.24 12.72 -39.09
N PHE B 98 19.95 13.01 -38.99
CA PHE B 98 19.36 13.65 -37.81
C PHE B 98 18.69 12.63 -36.87
N LEU B 99 18.19 11.56 -37.48
CA LEU B 99 17.49 10.50 -36.79
C LEU B 99 18.29 9.23 -36.96
N GLN B 100 17.88 8.14 -36.31
CA GLN B 100 18.46 6.83 -36.57
C GLN B 100 17.42 5.71 -36.44
N THR B 101 17.84 4.49 -36.75
CA THR B 101 16.92 3.38 -36.96
C THR B 101 17.37 2.11 -36.25
N GLU B 102 16.40 1.21 -36.02
CA GLU B 102 16.63 -0.09 -35.37
C GLU B 102 17.97 -0.75 -35.73
N SER B 103 18.47 -0.49 -36.94
CA SER B 103 19.78 -0.98 -37.41
C SER B 103 20.95 -0.52 -36.53
N GLU B 104 20.90 0.72 -36.06
CA GLU B 104 21.97 1.26 -35.22
C GLU B 104 21.71 1.04 -33.74
N LEU B 105 20.60 0.36 -33.43
CA LEU B 105 20.26 -0.02 -32.05
C LEU B 105 21.13 -1.20 -31.58
N GLN B 106 22.06 -0.90 -30.69
CA GLN B 106 23.10 -1.85 -30.33
C GLN B 106 23.11 -2.23 -28.87
N GLU B 107 22.85 -1.26 -28.00
CA GLU B 107 22.93 -1.50 -26.55
C GLU B 107 21.75 -2.30 -26.02
N LEU B 108 22.05 -3.28 -25.18
CA LEU B 108 21.04 -4.22 -24.70
C LEU B 108 19.97 -3.52 -23.88
N SER B 109 20.40 -2.85 -22.80
CA SER B 109 19.52 -2.04 -21.98
C SER B 109 18.51 -1.28 -22.85
N GLU B 110 19.03 -0.53 -23.82
CA GLU B 110 18.24 0.25 -24.76
C GLU B 110 17.11 -0.54 -25.43
N VAL B 111 17.36 -1.81 -25.72
CA VAL B 111 16.38 -2.64 -26.41
C VAL B 111 15.30 -3.17 -25.47
N LEU B 112 15.72 -3.49 -24.25
CA LEU B 112 14.83 -4.02 -23.23
C LEU B 112 13.88 -2.93 -22.78
N GLU B 113 14.45 -1.73 -22.60
CA GLU B 113 13.68 -0.50 -22.38
C GLU B 113 12.51 -0.34 -23.36
N LEU B 114 12.84 -0.37 -24.63
CA LEU B 114 11.92 -0.13 -25.72
C LEU B 114 10.79 -1.16 -25.82
N LEU B 115 10.90 -2.25 -25.05
CA LEU B 115 9.89 -3.30 -25.07
C LEU B 115 8.78 -3.07 -24.05
N SER B 116 7.57 -3.47 -24.40
CA SER B 116 6.46 -3.47 -23.44
C SER B 116 6.66 -4.64 -22.48
N ALA B 117 6.20 -4.47 -21.24
CA ALA B 117 6.29 -5.55 -20.23
C ALA B 117 5.73 -6.91 -20.69
N PRO B 118 4.57 -6.93 -21.42
CA PRO B 118 4.10 -8.18 -22.03
C PRO B 118 5.15 -8.87 -22.89
N GLU B 119 5.81 -8.11 -23.77
CA GLU B 119 6.85 -8.62 -24.65
C GLU B 119 8.06 -9.09 -23.87
N LEU B 120 8.38 -8.39 -22.80
CA LEU B 120 9.45 -8.81 -21.92
C LEU B 120 9.15 -10.12 -21.19
N LYS B 121 7.88 -10.52 -21.20
CA LYS B 121 7.50 -11.84 -20.68
C LYS B 121 7.77 -12.93 -21.71
N SER B 122 7.29 -12.74 -22.94
CA SER B 122 7.57 -13.66 -24.05
C SER B 122 9.04 -14.05 -24.11
N LEU B 123 9.89 -13.04 -24.00
CA LEU B 123 11.34 -13.20 -24.07
C LEU B 123 11.93 -13.87 -22.83
N ALA B 124 11.30 -13.66 -21.68
CA ALA B 124 11.72 -14.35 -20.47
C ALA B 124 11.34 -15.82 -20.54
N LYS B 125 10.27 -16.10 -21.28
CA LYS B 125 9.78 -17.47 -21.47
C LYS B 125 10.70 -18.26 -22.39
N THR B 126 10.67 -17.92 -23.68
CA THR B 126 11.42 -18.67 -24.71
C THR B 126 12.93 -18.68 -24.46
N PHE B 127 13.37 -18.00 -23.40
CA PHE B 127 14.71 -18.17 -22.86
C PHE B 127 14.61 -18.86 -21.51
N HIS B 128 15.08 -20.10 -21.46
CA HIS B 128 14.88 -20.98 -20.31
C HIS B 128 15.49 -20.46 -19.01
N LEU B 129 16.74 -20.01 -19.07
CA LEU B 129 17.49 -19.54 -17.89
C LEU B 129 16.79 -18.44 -17.08
N ALA B 130 15.71 -17.90 -17.63
CA ALA B 130 14.99 -16.80 -17.00
C ALA B 130 13.77 -17.30 -16.23
N ASN B 131 13.58 -16.76 -15.03
CA ASN B 131 12.35 -16.96 -14.25
C ASN B 131 11.19 -16.00 -14.65
N PRO B 132 10.18 -16.52 -15.37
CA PRO B 132 9.18 -15.77 -16.18
C PRO B 132 8.52 -14.52 -15.57
N ASN B 133 8.38 -14.49 -14.25
CA ASN B 133 7.61 -13.44 -13.58
C ASN B 133 8.43 -12.48 -12.76
N GLY B 134 7.86 -11.29 -12.55
CA GLY B 134 8.51 -10.20 -11.86
C GLY B 134 8.17 -8.91 -12.56
N GLN B 135 8.78 -7.81 -12.13
CA GLN B 135 8.51 -6.49 -12.71
C GLN B 135 9.40 -6.27 -13.94
N LYS B 136 8.98 -5.33 -14.81
CA LYS B 136 9.80 -4.93 -15.95
C LYS B 136 11.24 -4.69 -15.51
N GLN B 137 11.43 -3.87 -14.47
CA GLN B 137 12.74 -3.64 -13.90
C GLN B 137 13.45 -4.93 -13.51
N GLN B 138 12.75 -5.81 -12.79
CA GLN B 138 13.32 -7.08 -12.31
C GLN B 138 13.89 -7.91 -13.47
N LEU B 139 13.09 -8.06 -14.53
CA LEU B 139 13.48 -8.82 -15.72
C LEU B 139 14.67 -8.21 -16.44
N VAL B 140 14.75 -6.89 -16.46
CA VAL B 140 15.85 -6.17 -17.12
C VAL B 140 17.15 -6.37 -16.37
N ASP B 141 17.06 -6.38 -15.04
CA ASP B 141 18.20 -6.70 -14.20
C ASP B 141 18.68 -8.12 -14.49
N ALA B 142 17.73 -9.05 -14.64
CA ALA B 142 18.03 -10.44 -14.97
C ALA B 142 18.81 -10.56 -16.27
N PHE B 143 18.23 -10.03 -17.35
CA PHE B 143 18.85 -10.04 -18.65
C PHE B 143 20.22 -9.37 -18.65
N LEU B 144 20.31 -8.16 -18.09
CA LEU B 144 21.56 -7.36 -18.09
C LEU B 144 22.72 -7.94 -17.29
N LYS B 145 22.40 -8.74 -16.27
CA LYS B 145 23.40 -9.54 -15.58
C LYS B 145 23.86 -10.70 -16.46
N LEU B 146 22.92 -11.58 -16.82
CA LEU B 146 23.17 -12.77 -17.65
C LEU B 146 24.15 -12.50 -18.82
N ALA B 147 23.88 -11.44 -19.58
CA ALA B 147 24.69 -11.09 -20.74
C ALA B 147 26.08 -10.57 -20.36
N LYS B 148 26.23 -10.06 -19.14
CA LYS B 148 27.51 -9.52 -18.71
C LYS B 148 28.52 -10.61 -18.33
N GLN B 149 28.00 -11.80 -18.02
CA GLN B 149 28.85 -12.98 -17.78
C GLN B 149 28.99 -13.86 -19.04
N ARG B 150 27.87 -14.16 -19.70
CA ARG B 150 27.87 -15.02 -20.87
C ARG B 150 27.50 -14.21 -22.10
N SER B 151 28.35 -13.24 -22.40
CA SER B 151 28.11 -12.24 -23.45
C SER B 151 27.67 -12.79 -24.80
N VAL B 152 28.26 -13.90 -25.22
CA VAL B 152 27.84 -14.56 -26.46
C VAL B 152 26.33 -14.79 -26.43
N ILE B 153 25.82 -15.27 -25.30
CA ILE B 153 24.40 -15.52 -25.16
C ILE B 153 23.63 -14.19 -25.16
N GLY B 154 24.21 -13.16 -24.54
CA GLY B 154 23.64 -11.81 -24.59
C GLY B 154 23.32 -11.37 -26.01
N ALA B 155 24.29 -11.56 -26.90
CA ALA B 155 24.14 -11.29 -28.34
C ALA B 155 22.89 -11.94 -28.96
N VAL B 156 22.61 -13.18 -28.54
CA VAL B 156 21.45 -13.93 -29.06
C VAL B 156 20.12 -13.33 -28.59
N ILE B 157 20.11 -12.83 -27.35
CA ILE B 157 18.93 -12.24 -26.75
C ILE B 157 18.67 -10.90 -27.42
N LEU B 158 19.75 -10.12 -27.55
CA LEU B 158 19.74 -8.85 -28.27
C LEU B 158 19.13 -9.06 -29.67
N LYS B 159 19.68 -10.01 -30.41
CA LYS B 159 19.17 -10.37 -31.72
C LYS B 159 17.65 -10.56 -31.70
N ARG B 160 17.16 -11.36 -30.75
CA ARG B 160 15.75 -11.75 -30.74
C ARG B 160 14.83 -10.62 -30.27
N ALA B 161 15.31 -9.87 -29.27
CA ALA B 161 14.59 -8.70 -28.73
C ALA B 161 14.26 -7.67 -29.82
N LYS B 162 15.30 -7.26 -30.56
CA LYS B 162 15.16 -6.32 -31.66
C LYS B 162 14.05 -6.76 -32.59
N ALA B 163 14.07 -8.03 -33.00
CA ALA B 163 13.02 -8.62 -33.83
C ALA B 163 11.66 -8.45 -33.17
N LEU B 164 11.60 -8.78 -31.88
CA LEU B 164 10.35 -8.72 -31.11
C LEU B 164 9.85 -7.29 -30.90
N ALA B 165 10.77 -6.33 -30.87
CA ALA B 165 10.42 -4.92 -30.71
C ALA B 165 9.96 -4.27 -32.02
N GLY B 166 10.49 -4.74 -33.15
CA GLY B 166 10.11 -4.25 -34.47
C GLY B 166 10.84 -2.99 -34.90
N GLN B 167 10.12 -2.12 -35.61
CA GLN B 167 10.71 -0.89 -36.18
C GLN B 167 10.81 0.26 -35.17
N SER B 168 11.95 0.93 -35.14
CA SER B 168 12.19 2.01 -34.17
C SER B 168 13.15 3.11 -34.61
N VAL B 169 12.96 4.31 -34.04
CA VAL B 169 13.78 5.48 -34.34
C VAL B 169 14.28 6.14 -33.06
N ARG B 170 15.34 6.94 -33.19
CA ARG B 170 15.81 7.79 -32.10
C ARG B 170 16.55 9.01 -32.63
N ILE B 171 16.33 10.17 -32.01
CA ILE B 171 17.03 11.41 -32.36
C ILE B 171 18.56 11.28 -32.22
N CYS B 172 19.32 11.95 -33.09
CA CYS B 172 20.77 11.84 -33.07
C CYS B 172 21.37 12.80 -32.09
N LYS B 173 22.14 12.25 -31.15
CA LYS B 173 22.70 13.00 -30.05
C LYS B 173 23.83 13.96 -30.49
N GLY B 174 24.43 13.70 -31.65
CA GLY B 174 25.44 14.60 -32.21
C GLY B 174 24.83 15.94 -32.64
N PRO B 175 23.90 15.90 -33.63
CA PRO B 175 23.20 17.10 -34.07
C PRO B 175 22.48 17.78 -32.93
N ARG B 176 21.75 17.00 -32.11
CA ARG B 176 20.99 17.55 -30.99
C ARG B 176 21.86 18.46 -30.13
N ALA B 177 23.02 17.94 -29.69
CA ALA B 177 23.99 18.68 -28.88
C ALA B 177 24.20 20.12 -29.29
N VAL B 178 24.13 20.37 -30.60
CA VAL B 178 24.34 21.70 -31.15
C VAL B 178 23.19 22.64 -30.80
N PHE B 179 21.96 22.15 -31.02
CA PHE B 179 20.73 22.91 -30.72
C PHE B 179 20.56 23.21 -29.24
N SER B 180 20.98 22.27 -28.39
CA SER B 180 21.06 22.48 -26.95
C SER B 180 21.95 23.68 -26.68
N ARG B 181 23.16 23.68 -27.25
CA ARG B 181 24.10 24.78 -26.99
C ARG B 181 23.62 26.12 -27.57
N ILE B 182 22.83 26.06 -28.64
CA ILE B 182 22.27 27.27 -29.18
C ILE B 182 21.29 27.80 -28.16
N LEU B 183 20.31 26.96 -27.81
CA LEU B 183 19.28 27.24 -26.81
C LEU B 183 19.83 27.81 -25.51
N LEU B 184 20.90 27.20 -25.02
CA LEU B 184 21.59 27.67 -23.83
C LEU B 184 21.97 29.15 -23.94
N LEU B 185 22.55 29.53 -25.07
CA LEU B 185 22.89 30.93 -25.30
C LEU B 185 21.66 31.85 -25.33
N PHE B 186 20.61 31.41 -26.03
CA PHE B 186 19.39 32.19 -26.19
C PHE B 186 18.79 32.57 -24.84
N SER B 187 18.88 31.65 -23.90
CA SER B 187 18.33 31.82 -22.57
C SER B 187 19.32 32.50 -21.65
N LEU B 188 20.45 32.97 -22.18
CA LEU B 188 21.30 33.85 -21.41
C LEU B 188 20.69 35.26 -21.30
N THR B 189 19.66 35.53 -22.11
CA THR B 189 18.88 36.77 -22.05
C THR B 189 17.35 36.52 -22.07
N ASP B 190 16.93 35.37 -21.55
CA ASP B 190 15.49 35.07 -21.38
C ASP B 190 15.16 33.92 -20.39
N SER B 191 15.40 32.67 -20.80
CA SER B 191 14.92 31.46 -20.08
C SER B 191 15.83 30.96 -18.93
N MET B 192 17.03 31.53 -18.80
CA MET B 192 17.88 31.39 -17.60
C MET B 192 17.96 32.76 -16.91
N GLU B 193 17.17 33.71 -17.41
CA GLU B 193 17.03 35.03 -16.80
C GLU B 193 15.75 35.10 -15.95
N ASP B 194 14.74 34.34 -16.37
CA ASP B 194 13.61 33.99 -15.51
C ASP B 194 14.17 33.25 -14.28
N GLU B 195 15.31 32.58 -14.50
CA GLU B 195 16.16 31.91 -13.49
C GLU B 195 16.04 30.38 -13.41
N ASP B 196 15.82 29.75 -14.58
CA ASP B 196 15.84 28.29 -14.70
C ASP B 196 16.91 27.76 -15.68
N ALA B 197 18.10 27.50 -15.15
CA ALA B 197 19.17 26.85 -15.92
C ALA B 197 18.69 25.47 -16.37
N ALA B 198 17.60 25.01 -15.74
CA ALA B 198 16.87 23.81 -16.14
C ALA B 198 15.80 24.14 -17.18
N CYS B 199 16.24 24.76 -18.30
CA CYS B 199 15.41 24.97 -19.49
C CYS B 199 14.95 23.61 -20.01
N GLY B 200 15.74 22.59 -19.68
CA GLY B 200 15.39 21.20 -19.91
C GLY B 200 16.34 20.21 -19.22
N GLY B 201 17.44 20.72 -18.64
CA GLY B 201 18.57 19.89 -18.19
C GLY B 201 19.34 19.37 -19.41
N GLN B 202 18.58 18.79 -20.34
CA GLN B 202 18.97 18.48 -21.73
C GLN B 202 19.05 19.74 -22.61
N GLY B 203 18.30 20.77 -22.23
CA GLY B 203 18.00 21.88 -23.11
C GLY B 203 16.87 21.39 -23.99
N GLN B 204 15.66 21.89 -23.74
CA GLN B 204 14.53 21.58 -24.60
C GLN B 204 13.39 22.64 -24.64
N LEU B 205 13.66 23.84 -24.17
CA LEU B 205 12.78 24.97 -24.46
C LEU B 205 11.46 24.92 -23.67
N SER B 206 11.40 25.72 -22.60
CA SER B 206 10.29 25.78 -21.66
C SER B 206 8.92 25.92 -22.33
N THR B 207 7.88 25.39 -21.68
CA THR B 207 6.51 25.36 -22.23
C THR B 207 6.02 26.75 -22.63
N VAL B 208 6.05 27.69 -21.69
CA VAL B 208 5.64 29.08 -21.96
C VAL B 208 6.30 29.65 -23.22
N LEU B 209 7.61 29.41 -23.33
CA LEU B 209 8.37 29.81 -24.50
C LEU B 209 7.95 29.06 -25.75
N LEU B 210 7.93 27.72 -25.68
CA LEU B 210 7.52 26.91 -26.84
C LEU B 210 6.17 27.38 -27.39
N VAL B 211 5.28 27.82 -26.52
CA VAL B 211 3.95 28.21 -26.99
C VAL B 211 3.91 29.67 -27.51
N ASN B 212 4.54 30.61 -26.81
CA ASN B 212 4.36 32.01 -27.15
C ASN B 212 5.54 32.71 -27.79
N LEU B 213 6.68 32.03 -27.94
CA LEU B 213 7.83 32.72 -28.47
C LEU B 213 7.54 33.23 -29.87
N GLY B 214 6.92 32.39 -30.69
CA GLY B 214 6.54 32.77 -32.05
C GLY B 214 5.60 33.96 -32.19
N ARG B 215 4.82 34.24 -31.15
CA ARG B 215 3.84 35.33 -31.19
C ARG B 215 4.22 36.54 -30.33
N MET B 216 5.23 36.42 -29.48
CA MET B 216 5.60 37.47 -28.53
C MET B 216 6.23 38.68 -29.21
N GLU B 217 5.73 39.87 -28.88
CA GLU B 217 6.39 41.10 -29.31
C GLU B 217 7.15 41.73 -28.14
N PHE B 218 8.34 42.25 -28.42
CA PHE B 218 9.30 42.69 -27.40
C PHE B 218 9.57 44.19 -27.43
N PRO B 219 10.09 44.76 -26.32
CA PRO B 219 10.37 46.21 -26.29
C PRO B 219 11.41 46.62 -27.31
N SER B 220 11.33 47.88 -27.72
CA SER B 220 12.30 48.48 -28.64
C SER B 220 13.48 49.04 -27.85
N TYR B 221 14.67 48.63 -28.27
CA TYR B 221 15.91 49.05 -27.64
C TYR B 221 17.00 48.84 -28.67
N THR B 222 18.20 49.33 -28.38
CA THR B 222 19.28 49.29 -29.35
C THR B 222 20.41 48.42 -28.84
N ILE B 223 20.67 47.34 -29.56
CA ILE B 223 21.73 46.38 -29.19
C ILE B 223 23.12 46.98 -29.31
N ASN B 224 23.84 47.06 -28.21
CA ASN B 224 25.20 47.53 -28.26
C ASN B 224 26.03 46.74 -27.27
N ARG B 225 26.82 45.81 -27.80
CA ARG B 225 27.73 45.00 -26.98
C ARG B 225 29.19 45.30 -27.32
N LYS B 226 30.02 45.36 -26.29
CA LYS B 226 31.40 45.76 -26.48
C LYS B 226 32.39 44.97 -25.63
N THR B 227 31.94 43.85 -25.07
CA THR B 227 32.85 42.94 -24.36
C THR B 227 32.45 41.50 -24.63
N HIS B 228 33.45 40.63 -24.55
CA HIS B 228 33.24 39.20 -24.66
C HIS B 228 33.02 38.58 -23.28
N ILE B 229 31.92 37.84 -23.16
CA ILE B 229 31.66 37.06 -21.98
C ILE B 229 32.59 35.85 -21.98
N PHE B 230 32.59 35.12 -23.09
CA PHE B 230 33.39 33.91 -23.19
C PHE B 230 34.70 34.11 -23.94
N GLN B 231 35.72 33.39 -23.50
CA GLN B 231 37.04 33.40 -24.15
C GLN B 231 37.02 32.76 -25.54
N ASP B 232 36.31 31.64 -25.67
CA ASP B 232 36.41 30.76 -26.82
C ASP B 232 35.46 29.59 -26.63
N ARG B 233 35.29 28.78 -27.66
CA ARG B 233 34.42 27.61 -27.63
C ARG B 233 34.61 26.63 -26.44
N ASP B 234 35.81 26.60 -25.87
CA ASP B 234 36.08 25.72 -24.73
C ASP B 234 35.51 26.33 -23.47
N ASP B 235 35.77 27.62 -23.26
CA ASP B 235 35.22 28.36 -22.12
C ASP B 235 33.73 28.12 -22.01
N LEU B 236 32.99 28.47 -23.06
CA LEU B 236 31.56 28.16 -23.11
C LEU B 236 31.26 26.70 -22.77
N ILE B 237 32.03 25.76 -23.32
CA ILE B 237 31.77 24.36 -22.99
C ILE B 237 31.96 24.09 -21.49
N ARG B 238 33.05 24.59 -20.92
CA ARG B 238 33.28 24.50 -19.47
C ARG B 238 32.09 25.05 -18.67
N TYR B 239 31.61 26.22 -19.09
CA TYR B 239 30.47 26.90 -18.48
C TYR B 239 29.23 26.01 -18.57
N ALA B 240 28.78 25.69 -19.77
CA ALA B 240 27.62 24.86 -19.94
C ALA B 240 27.68 23.59 -19.08
N ALA B 241 28.88 23.09 -18.81
CA ALA B 241 29.04 21.93 -17.93
C ALA B 241 28.67 22.26 -16.48
N ALA B 242 29.25 23.34 -15.94
CA ALA B 242 28.90 23.84 -14.61
C ALA B 242 27.39 23.98 -14.46
N THR B 243 26.76 24.58 -15.46
CA THR B 243 25.32 24.72 -15.55
C THR B 243 24.57 23.40 -15.38
N HIS B 244 24.99 22.34 -16.08
CA HIS B 244 24.29 21.04 -16.01
C HIS B 244 24.50 20.37 -14.66
N MET B 245 25.70 20.55 -14.11
CA MET B 245 26.01 20.08 -12.79
C MET B 245 25.04 20.74 -11.81
N LEU B 246 25.17 22.06 -11.67
CA LEU B 246 24.35 22.86 -10.77
C LEU B 246 22.88 22.45 -10.84
N SER B 247 22.40 22.22 -12.05
CA SER B 247 21.03 21.80 -12.23
C SER B 247 20.76 20.48 -11.53
N ASP B 248 21.64 19.50 -11.77
CA ASP B 248 21.49 18.14 -11.23
C ASP B 248 21.55 18.09 -9.73
N ILE B 249 22.39 18.97 -9.18
CA ILE B 249 22.45 19.16 -7.74
C ILE B 249 21.14 19.72 -7.21
N SER B 250 20.69 20.84 -7.76
CA SER B 250 19.37 21.36 -7.41
C SER B 250 18.31 20.28 -7.55
N SER B 251 18.31 19.63 -8.70
CA SER B 251 17.36 18.56 -8.99
C SER B 251 17.38 17.51 -7.89
N ALA B 252 18.57 17.00 -7.56
CA ALA B 252 18.73 16.06 -6.44
C ALA B 252 18.08 16.62 -5.19
N MET B 253 18.56 17.77 -4.70
CA MET B 253 18.03 18.42 -3.52
C MET B 253 16.52 18.49 -3.55
N ALA B 254 16.00 18.83 -4.72
CA ALA B 254 14.58 18.91 -4.89
C ALA B 254 13.88 17.55 -4.73
N ASN B 255 14.54 16.46 -5.10
CA ASN B 255 13.94 15.13 -4.87
C ASN B 255 14.33 14.53 -3.54
N GLY B 256 14.80 15.37 -2.62
CA GLY B 256 15.25 14.92 -1.31
C GLY B 256 16.37 13.91 -1.33
N ASN B 257 17.03 13.70 -2.47
CA ASN B 257 18.18 12.79 -2.54
C ASN B 257 19.45 13.45 -2.04
N TRP B 258 19.43 13.78 -0.76
CA TRP B 258 20.45 14.59 -0.15
C TRP B 258 21.81 13.91 -0.18
N GLU B 259 21.80 12.59 -0.18
CA GLU B 259 23.05 11.84 -0.22
C GLU B 259 23.73 11.95 -1.57
N GLU B 260 22.94 11.80 -2.64
CA GLU B 260 23.46 11.98 -3.97
C GLU B 260 23.93 13.40 -4.21
N ALA B 261 23.16 14.37 -3.71
CA ALA B 261 23.52 15.78 -3.80
C ALA B 261 24.88 16.06 -3.19
N LYS B 262 25.13 15.53 -1.99
CA LYS B 262 26.42 15.74 -1.32
C LYS B 262 27.57 15.32 -2.23
N GLU B 263 27.46 14.14 -2.84
CA GLU B 263 28.48 13.67 -3.76
C GLU B 263 28.69 14.65 -4.90
N LEU B 264 27.64 14.90 -5.67
CA LEU B 264 27.71 15.75 -6.85
C LEU B 264 28.37 17.09 -6.57
N ALA B 265 28.05 17.66 -5.42
CA ALA B 265 28.65 18.90 -4.99
C ALA B 265 30.15 18.74 -4.70
N GLN B 266 30.52 17.79 -3.84
CA GLN B 266 31.93 17.55 -3.50
C GLN B 266 32.72 17.19 -4.72
N CYS B 267 32.06 16.47 -5.62
CA CYS B 267 32.64 16.14 -6.87
C CYS B 267 32.89 17.42 -7.66
N ALA B 268 31.85 18.25 -7.82
CA ALA B 268 32.00 19.55 -8.46
C ALA B 268 32.99 20.49 -7.75
N LYS B 269 33.15 20.34 -6.44
CA LYS B 269 34.08 21.19 -5.72
C LYS B 269 35.49 20.94 -6.22
N ARG B 270 35.84 19.67 -6.43
CA ARG B 270 37.17 19.30 -6.92
C ARG B 270 37.35 19.90 -8.30
N ASP B 271 36.39 19.63 -9.18
CA ASP B 271 36.36 20.20 -10.52
C ASP B 271 36.68 21.70 -10.51
N TRP B 272 36.05 22.46 -9.62
CA TRP B 272 36.31 23.89 -9.50
C TRP B 272 37.73 24.20 -8.97
N ASN B 273 38.28 23.33 -8.13
CA ASN B 273 39.63 23.55 -7.65
C ASN B 273 40.70 23.22 -8.68
N ARG B 274 40.39 22.26 -9.55
CA ARG B 274 41.27 21.93 -10.66
C ARG B 274 41.44 23.11 -11.61
N LEU B 275 40.39 23.89 -11.81
CA LEU B 275 40.41 24.99 -12.78
C LEU B 275 41.15 26.25 -12.34
N LYS B 276 41.46 26.38 -11.05
CA LYS B 276 42.14 27.58 -10.54
C LYS B 276 43.41 27.83 -11.35
N ASN B 277 43.63 29.10 -11.72
CA ASN B 277 44.83 29.54 -12.51
C ASN B 277 44.68 29.56 -14.03
N HIS B 278 43.79 28.73 -14.58
CA HIS B 278 43.42 28.78 -15.99
C HIS B 278 43.36 30.24 -16.46
N PRO B 279 43.99 30.55 -17.60
CA PRO B 279 44.04 31.90 -18.18
C PRO B 279 42.69 32.60 -18.18
N SER B 280 41.63 31.87 -18.56
CA SER B 280 40.27 32.40 -18.76
C SER B 280 39.70 33.19 -17.56
N LEU B 281 40.11 32.84 -16.35
CA LEU B 281 39.57 33.46 -15.16
C LEU B 281 40.03 34.90 -14.93
N ARG B 282 41.16 35.29 -15.51
CA ARG B 282 41.70 36.65 -15.34
C ARG B 282 40.80 37.68 -16.01
N CYS B 283 40.31 37.34 -17.21
CA CYS B 283 39.39 38.19 -17.94
C CYS B 283 38.06 38.21 -17.23
N HIS B 284 37.68 37.06 -16.69
CA HIS B 284 36.45 36.91 -15.92
C HIS B 284 36.42 37.88 -14.72
N GLU B 285 37.41 37.80 -13.83
CA GLU B 285 37.51 38.69 -12.67
C GLU B 285 37.37 40.17 -13.00
N ASP B 286 37.67 40.50 -14.25
CA ASP B 286 37.76 41.88 -14.70
C ASP B 286 36.43 42.37 -15.29
N LEU B 287 35.56 41.43 -15.66
CA LEU B 287 34.23 41.72 -16.19
C LEU B 287 33.40 42.52 -15.17
N PRO B 288 32.51 43.39 -15.67
CA PRO B 288 31.60 44.09 -14.76
C PRO B 288 30.64 43.10 -14.11
N LEU B 289 30.07 43.47 -12.96
CA LEU B 289 29.15 42.56 -12.24
C LEU B 289 28.05 41.99 -13.11
N PHE B 290 27.31 42.85 -13.81
CA PHE B 290 26.16 42.37 -14.57
C PHE B 290 26.47 41.34 -15.68
N LEU B 291 27.76 41.09 -15.91
CA LEU B 291 28.16 40.10 -16.88
C LEU B 291 28.95 38.99 -16.23
N ARG B 292 29.63 39.33 -15.12
CA ARG B 292 30.44 38.36 -14.39
C ARG B 292 29.64 37.14 -13.95
N CYS B 293 28.34 37.32 -13.76
CA CYS B 293 27.44 36.23 -13.43
C CYS B 293 27.29 35.18 -14.53
N PHE B 294 27.86 35.41 -15.71
CA PHE B 294 27.83 34.42 -16.76
C PHE B 294 29.20 33.81 -16.94
N THR B 295 29.82 33.38 -15.86
CA THR B 295 31.09 32.68 -15.97
C THR B 295 31.09 31.36 -15.18
N VAL B 296 32.08 30.50 -15.43
CA VAL B 296 32.28 29.31 -14.59
C VAL B 296 32.44 29.69 -13.12
N GLY B 297 33.39 30.57 -12.81
CA GLY B 297 33.57 31.03 -11.44
C GLY B 297 32.27 31.29 -10.67
N TRP B 298 31.41 32.12 -11.25
CA TRP B 298 30.11 32.45 -10.67
C TRP B 298 29.32 31.18 -10.38
N ILE B 299 29.05 30.40 -11.43
CA ILE B 299 28.28 29.16 -11.30
C ILE B 299 28.88 28.20 -10.27
N TYR B 300 30.19 28.21 -10.12
CA TYR B 300 30.79 27.35 -9.12
C TYR B 300 30.52 27.87 -7.73
N THR B 301 30.57 29.18 -7.59
CA THR B 301 30.24 29.81 -6.34
C THR B 301 28.80 29.46 -6.01
N ARG B 302 27.91 29.71 -6.97
CA ARG B 302 26.52 29.34 -6.82
C ARG B 302 26.38 27.90 -6.34
N ILE B 303 27.19 27.00 -6.92
CA ILE B 303 27.23 25.59 -6.48
C ILE B 303 27.65 25.45 -5.02
N LEU B 304 28.74 26.10 -4.65
CA LEU B 304 29.17 26.11 -3.26
C LEU B 304 28.09 26.59 -2.30
N SER B 305 27.27 27.55 -2.72
CA SER B 305 26.14 27.99 -1.90
C SER B 305 25.20 26.85 -1.63
N ARG B 306 24.68 26.22 -2.67
CA ARG B 306 23.81 25.07 -2.46
C ARG B 306 24.51 24.02 -1.61
N PHE B 307 25.83 23.94 -1.73
CA PHE B 307 26.59 22.97 -0.96
C PHE B 307 26.41 23.18 0.55
N VAL B 308 26.53 24.42 1.02
CA VAL B 308 26.26 24.72 2.44
C VAL B 308 24.80 24.42 2.76
N GLU B 309 23.91 24.76 1.84
CA GLU B 309 22.51 24.45 2.01
C GLU B 309 22.34 22.96 2.29
N ILE B 310 23.14 22.13 1.62
CA ILE B 310 23.07 20.67 1.74
C ILE B 310 23.68 20.20 3.04
N LEU B 311 24.91 20.63 3.31
CA LEU B 311 25.55 20.34 4.58
C LEU B 311 24.62 20.65 5.75
N GLN B 312 24.05 21.85 5.78
CA GLN B 312 23.11 22.25 6.80
C GLN B 312 22.02 21.22 6.98
N ARG B 313 21.43 20.76 5.89
CA ARG B 313 20.33 19.79 5.95
C ARG B 313 20.78 18.51 6.62
N LEU B 314 21.97 18.03 6.28
CA LEU B 314 22.54 16.83 6.87
C LEU B 314 23.11 17.14 8.25
N HIS B 315 22.69 18.26 8.83
CA HIS B 315 23.18 18.68 10.12
C HIS B 315 24.71 18.64 10.29
N MET B 316 25.46 18.80 9.19
CA MET B 316 26.93 18.90 9.26
C MET B 316 27.35 20.36 9.30
N TYR B 317 27.36 20.96 10.48
CA TYR B 317 27.44 22.42 10.59
C TYR B 317 28.86 23.02 10.61
N GLU B 318 29.83 22.33 11.19
CA GLU B 318 31.20 22.87 11.30
C GLU B 318 31.73 23.03 9.90
N GLU B 319 31.36 22.06 9.09
CA GLU B 319 31.69 22.01 7.70
C GLU B 319 30.98 23.17 7.04
N ALA B 320 29.66 23.26 7.23
CA ALA B 320 28.90 24.36 6.64
C ALA B 320 29.46 25.74 6.97
N VAL B 321 29.92 25.93 8.20
CA VAL B 321 30.57 27.18 8.61
C VAL B 321 31.87 27.44 7.83
N ARG B 322 32.72 26.42 7.73
CA ARG B 322 33.95 26.49 6.92
C ARG B 322 33.68 27.09 5.54
N GLU B 323 32.77 26.45 4.81
CA GLU B 323 32.44 26.85 3.45
C GLU B 323 31.91 28.28 3.38
N LEU B 324 31.06 28.63 4.34
CA LEU B 324 30.54 29.99 4.47
C LEU B 324 31.66 31.00 4.65
N GLU B 325 32.73 30.59 5.32
CA GLU B 325 33.87 31.47 5.54
C GLU B 325 34.71 31.64 4.29
N SER B 326 34.85 30.57 3.51
CA SER B 326 35.45 30.64 2.20
C SER B 326 34.76 31.71 1.42
N LEU B 327 33.51 31.43 1.06
CA LEU B 327 32.71 32.31 0.25
C LEU B 327 32.86 33.76 0.71
N LEU B 328 32.72 34.01 2.01
CA LEU B 328 32.73 35.36 2.49
C LEU B 328 34.08 36.06 2.37
N SER B 329 35.15 35.29 2.25
CA SER B 329 36.50 35.87 2.19
C SER B 329 36.85 36.49 0.82
N GLN B 330 36.29 35.94 -0.25
CA GLN B 330 36.43 36.52 -1.58
C GLN B 330 35.35 37.57 -1.82
N ARG B 331 35.61 38.52 -2.71
CA ARG B 331 34.61 39.52 -3.07
C ARG B 331 34.35 39.50 -4.60
N ILE B 332 35.00 38.58 -5.30
CA ILE B 332 34.87 38.44 -6.76
C ILE B 332 33.51 37.93 -7.22
N TYR B 333 33.03 36.87 -6.58
CA TYR B 333 31.80 36.20 -7.02
C TYR B 333 30.59 36.40 -6.09
N CYS B 334 29.41 36.56 -6.71
CA CYS B 334 28.12 36.74 -6.03
C CYS B 334 28.17 37.59 -4.78
N PRO B 335 28.41 38.92 -4.93
CA PRO B 335 28.38 39.84 -3.78
C PRO B 335 26.98 40.08 -3.24
N ASP B 336 25.96 39.98 -4.09
CA ASP B 336 24.59 40.10 -3.63
C ASP B 336 24.25 39.07 -2.57
N SER B 337 24.91 37.91 -2.65
CA SER B 337 24.64 36.81 -1.74
C SER B 337 25.30 36.93 -0.39
N ARG B 338 26.06 37.99 -0.17
CA ARG B 338 26.82 38.11 1.07
C ARG B 338 25.92 38.36 2.27
N GLY B 339 24.84 39.12 2.04
CA GLY B 339 23.84 39.33 3.06
C GLY B 339 23.40 37.97 3.58
N ARG B 340 22.88 37.14 2.68
CA ARG B 340 22.48 35.79 3.01
C ARG B 340 23.57 34.99 3.74
N TRP B 341 24.79 35.06 3.23
CA TRP B 341 25.86 34.24 3.77
C TRP B 341 26.18 34.57 5.21
N TRP B 342 26.39 35.85 5.49
CA TRP B 342 26.67 36.36 6.83
C TRP B 342 25.59 35.93 7.81
N ASP B 343 24.35 36.22 7.42
CA ASP B 343 23.17 35.90 8.19
C ASP B 343 23.21 34.44 8.64
N ARG B 344 23.53 33.59 7.69
CA ARG B 344 23.50 32.17 7.86
C ARG B 344 24.66 31.69 8.71
N LEU B 345 25.82 32.31 8.52
CA LEU B 345 26.97 32.03 9.33
C LEU B 345 26.64 32.39 10.77
N ALA B 346 26.06 33.59 10.94
CA ALA B 346 25.74 34.11 12.24
C ALA B 346 24.86 33.11 12.93
N LEU B 347 23.75 32.75 12.30
CA LEU B 347 22.83 31.76 12.84
C LEU B 347 23.54 30.48 13.25
N ASN B 348 24.17 29.79 12.29
CA ASN B 348 24.91 28.54 12.54
C ASN B 348 25.85 28.57 13.73
N LEU B 349 26.68 29.60 13.81
CA LEU B 349 27.64 29.74 14.90
C LEU B 349 26.88 29.82 16.20
N HIS B 350 26.07 30.87 16.33
CA HIS B 350 25.26 31.13 17.51
C HIS B 350 24.45 29.92 17.93
N GLN B 351 23.66 29.41 17.00
CA GLN B 351 22.66 28.42 17.31
C GLN B 351 23.13 26.99 17.38
N HIS B 352 23.89 26.54 16.39
CA HIS B 352 24.20 25.12 16.27
C HIS B 352 25.58 24.75 16.79
N LEU B 353 26.47 25.72 16.85
CA LEU B 353 27.77 25.50 17.42
C LEU B 353 27.90 26.26 18.74
N LYS B 354 26.82 26.96 19.09
CA LYS B 354 26.72 27.71 20.35
C LYS B 354 28.00 28.46 20.72
N ARG B 355 28.51 29.26 19.79
CA ARG B 355 29.81 29.87 19.92
C ARG B 355 29.70 31.41 19.86
N LEU B 356 29.62 32.06 21.03
CA LEU B 356 29.23 33.48 21.14
C LEU B 356 30.27 34.51 20.71
N GLU B 357 31.51 34.30 21.09
CA GLU B 357 32.63 35.16 20.67
C GLU B 357 32.58 35.41 19.15
N PRO B 358 32.73 34.36 18.31
CA PRO B 358 32.78 34.56 16.87
C PRO B 358 31.47 35.15 16.37
N THR B 359 30.36 34.71 16.95
CA THR B 359 29.05 35.22 16.58
C THR B 359 29.11 36.74 16.62
N ILE B 360 29.67 37.29 17.70
CA ILE B 360 29.78 38.74 17.82
C ILE B 360 30.70 39.33 16.75
N LYS B 361 31.87 38.71 16.56
CA LYS B 361 32.79 39.14 15.50
C LYS B 361 32.08 39.12 14.16
N CYS B 362 31.43 37.99 13.89
CA CYS B 362 30.65 37.79 12.69
C CYS B 362 29.60 38.88 12.42
N ILE B 363 28.73 39.12 13.40
CA ILE B 363 27.72 40.17 13.30
C ILE B 363 28.33 41.54 12.96
N THR B 364 29.41 41.90 13.64
CA THR B 364 29.97 43.24 13.51
C THR B 364 30.60 43.42 12.15
N GLU B 365 31.29 42.38 11.70
CA GLU B 365 31.91 42.35 10.38
C GLU B 365 30.86 42.48 9.30
N GLY B 366 29.82 41.65 9.41
CA GLY B 366 28.70 41.68 8.48
C GLY B 366 28.02 43.04 8.37
N LEU B 367 27.69 43.65 9.51
CA LEU B 367 27.06 44.96 9.53
C LEU B 367 27.95 46.03 8.92
N ALA B 368 29.26 45.85 9.07
CA ALA B 368 30.25 46.72 8.45
C ALA B 368 30.20 46.69 6.91
N ASP B 369 29.86 45.53 6.37
CA ASP B 369 29.84 45.26 4.93
C ASP B 369 28.73 46.02 4.17
N PRO B 370 29.13 46.89 3.21
CA PRO B 370 28.19 47.65 2.35
C PRO B 370 27.40 46.78 1.36
N GLU B 371 27.74 45.51 1.28
CA GLU B 371 27.06 44.59 0.38
C GLU B 371 25.78 44.01 0.97
N VAL B 372 25.65 44.05 2.30
CA VAL B 372 24.44 43.58 2.99
C VAL B 372 23.39 44.69 3.09
N ARG B 373 22.13 44.31 2.90
CA ARG B 373 21.06 45.28 2.68
C ARG B 373 19.73 44.86 3.32
N THR B 374 18.75 45.75 3.24
CA THR B 374 17.37 45.47 3.63
C THR B 374 17.27 44.37 4.69
N GLY B 375 16.54 43.30 4.34
CA GLY B 375 16.22 42.17 5.23
C GLY B 375 17.36 41.63 6.06
N HIS B 376 18.35 41.06 5.38
CA HIS B 376 19.50 40.45 6.06
C HIS B 376 20.19 41.40 7.01
N ARG B 377 20.29 42.66 6.62
CA ARG B 377 20.92 43.71 7.43
C ARG B 377 20.18 43.86 8.74
N LEU B 378 18.85 43.92 8.63
CA LEU B 378 17.98 44.02 9.80
C LEU B 378 18.08 42.79 10.67
N SER B 379 17.96 41.63 10.03
CA SER B 379 18.11 40.36 10.73
C SER B 379 19.40 40.28 11.54
N LEU B 380 20.49 40.80 10.99
CA LEU B 380 21.75 40.89 11.73
C LEU B 380 21.58 41.82 12.91
N TYR B 381 21.14 43.04 12.63
CA TYR B 381 20.98 44.03 13.66
C TYR B 381 20.22 43.48 14.85
N GLN B 382 19.13 42.77 14.59
CA GLN B 382 18.31 42.25 15.66
C GLN B 382 19.07 41.26 16.50
N ARG B 383 19.72 40.30 15.85
CA ARG B 383 20.52 39.31 16.57
C ARG B 383 21.47 40.01 17.54
N ALA B 384 21.92 41.20 17.15
CA ALA B 384 22.85 41.96 17.96
C ALA B 384 22.19 42.42 19.24
N VAL B 385 21.01 43.02 19.13
CA VAL B 385 20.31 43.59 20.29
C VAL B 385 19.78 42.48 21.18
N ARG B 386 19.45 41.34 20.57
CA ARG B 386 19.11 40.13 21.31
C ARG B 386 20.33 39.73 22.10
N LEU B 387 21.48 39.77 21.44
CA LEU B 387 22.73 39.29 22.04
C LEU B 387 23.27 40.20 23.14
N ARG B 388 23.22 41.51 22.93
CA ARG B 388 23.78 42.46 23.90
C ARG B 388 22.97 42.52 25.18
N GLU B 389 21.68 42.23 25.04
CA GLU B 389 20.74 42.42 26.14
C GLU B 389 20.31 41.07 26.69
N SER B 390 21.22 40.10 26.63
CA SER B 390 21.00 38.77 27.18
C SER B 390 21.92 38.58 28.38
N PRO B 391 21.40 37.95 29.46
CA PRO B 391 22.15 37.65 30.69
C PRO B 391 23.40 36.80 30.44
N SER B 392 23.20 35.56 29.99
CA SER B 392 24.29 34.60 29.78
C SER B 392 25.30 35.10 28.75
N CYS B 393 25.25 36.38 28.47
CA CYS B 393 26.11 37.01 27.51
C CYS B 393 26.82 38.19 28.12
N LYS B 394 26.08 38.97 28.93
CA LYS B 394 26.52 40.27 29.49
C LYS B 394 27.96 40.41 29.99
N LYS B 395 28.73 39.32 29.92
CA LYS B 395 30.12 39.28 30.36
C LYS B 395 31.07 39.96 29.37
N PHE B 396 30.68 41.15 28.92
CA PHE B 396 31.35 41.88 27.84
C PHE B 396 30.75 43.29 27.73
N LYS B 397 31.25 44.12 26.82
CA LYS B 397 30.62 45.41 26.50
C LYS B 397 30.74 45.81 25.02
N HIS B 398 31.00 44.81 24.17
CA HIS B 398 31.44 45.00 22.78
C HIS B 398 30.35 45.06 21.70
N LEU B 399 29.08 44.90 22.09
CA LEU B 399 27.96 45.19 21.19
C LEU B 399 27.17 46.42 21.62
N PHE B 400 27.66 47.10 22.67
CA PHE B 400 27.26 48.48 22.91
C PHE B 400 27.92 49.34 21.84
N GLN B 401 29.07 48.85 21.37
CA GLN B 401 29.90 49.49 20.37
C GLN B 401 29.13 50.29 19.34
N GLN B 402 28.77 51.51 19.73
CA GLN B 402 28.16 52.51 18.85
C GLN B 402 27.29 51.87 17.77
N LEU B 403 26.37 50.99 18.16
CA LEU B 403 25.48 50.38 17.19
C LEU B 403 24.42 51.41 16.79
N PRO B 404 24.54 51.95 15.56
CA PRO B 404 23.61 52.99 15.12
C PRO B 404 22.20 52.47 15.25
N GLU B 405 21.46 52.98 16.24
CA GLU B 405 20.22 52.35 16.68
C GLU B 405 19.09 52.37 15.64
N MET B 406 19.23 51.51 14.63
CA MET B 406 18.31 51.37 13.49
C MET B 406 16.93 50.86 13.92
N ALA B 407 16.12 51.75 14.48
CA ALA B 407 14.77 51.41 14.91
C ALA B 407 13.86 51.33 13.70
N VAL B 408 12.80 50.54 13.82
CA VAL B 408 11.77 50.44 12.79
C VAL B 408 10.42 50.83 13.42
N GLN B 409 9.70 51.75 12.78
CA GLN B 409 8.43 52.27 13.31
C GLN B 409 7.35 51.21 13.23
N ASP B 410 6.50 51.17 14.26
CA ASP B 410 5.45 50.15 14.36
C ASP B 410 4.20 50.55 13.56
N VAL B 411 3.39 49.57 13.21
CA VAL B 411 2.29 49.77 12.25
C VAL B 411 0.95 49.17 12.74
N LYS B 412 -0.14 49.81 12.34
CA LYS B 412 -1.48 49.40 12.74
C LYS B 412 -1.77 47.93 12.43
N HIS B 413 -1.81 47.12 13.47
CA HIS B 413 -2.31 45.75 13.37
C HIS B 413 -3.83 45.72 13.50
N VAL B 414 -4.45 44.66 12.98
CA VAL B 414 -5.89 44.54 12.86
C VAL B 414 -6.19 43.04 12.82
N THR B 415 -7.36 42.62 13.32
CA THR B 415 -7.71 41.21 13.26
C THR B 415 -9.15 40.97 12.81
N ILE B 416 -9.31 40.03 11.90
CA ILE B 416 -10.63 39.58 11.45
C ILE B 416 -10.75 38.06 11.54
N THR B 417 -11.85 37.50 11.04
CA THR B 417 -12.18 36.10 11.27
C THR B 417 -12.90 35.45 10.11
N GLY B 418 -12.58 34.19 9.85
CA GLY B 418 -13.24 33.42 8.80
C GLY B 418 -13.23 31.94 9.13
N ARG B 419 -14.33 31.25 8.81
CA ARG B 419 -14.44 29.81 9.08
C ARG B 419 -13.64 29.00 8.08
N LEU B 420 -12.64 28.31 8.60
CA LEU B 420 -11.69 27.53 7.81
C LEU B 420 -12.29 26.18 7.48
N CYS B 421 -12.13 25.76 6.23
CA CYS B 421 -12.49 24.40 5.82
C CYS B 421 -11.27 23.49 5.99
N PRO B 422 -11.41 22.36 6.71
CA PRO B 422 -10.25 21.51 7.08
C PRO B 422 -9.41 21.03 5.89
N GLN B 423 -9.99 20.15 5.05
CA GLN B 423 -9.29 19.63 3.87
C GLN B 423 -10.19 19.66 2.63
N ARG B 424 -9.98 20.68 1.79
CA ARG B 424 -10.63 20.78 0.47
C ARG B 424 -9.86 21.67 -0.51
N LYS B 428 -1.83 25.31 1.49
CA LYS B 428 -2.37 26.65 1.75
C LYS B 428 -3.79 26.55 2.29
N SER B 429 -4.04 27.31 3.37
CA SER B 429 -5.35 27.31 4.02
C SER B 429 -6.43 27.81 3.07
N VAL B 430 -7.59 27.16 3.10
CA VAL B 430 -8.74 27.57 2.30
C VAL B 430 -9.96 27.81 3.18
N PHE B 431 -10.55 28.99 3.03
CA PHE B 431 -11.69 29.41 3.83
C PHE B 431 -12.96 29.42 3.00
N VAL B 432 -14.08 29.63 3.68
CA VAL B 432 -15.37 29.78 3.02
C VAL B 432 -16.05 31.07 3.50
N MET B 433 -16.83 31.68 2.64
CA MET B 433 -17.60 32.88 2.98
C MET B 433 -18.93 32.88 2.23
N GLU B 434 -19.91 33.60 2.73
CA GLU B 434 -21.23 33.65 2.06
C GLU B 434 -22.01 34.97 2.17
N ALA B 435 -23.13 34.93 2.89
CA ALA B 435 -24.24 35.91 2.82
C ALA B 435 -25.19 35.58 1.65
N GLY B 436 -26.27 36.36 1.51
CA GLY B 436 -27.33 36.04 0.54
C GLY B 436 -27.56 37.06 -0.57
N GLU B 437 -27.32 36.62 -1.81
CA GLU B 437 -27.60 37.43 -3.00
C GLU B 437 -29.04 37.21 -3.46
N ALA B 438 -29.23 36.37 -4.47
CA ALA B 438 -30.58 35.98 -4.93
C ALA B 438 -30.64 34.50 -5.34
N ALA B 439 -30.17 33.61 -4.46
CA ALA B 439 -30.18 32.15 -4.67
C ALA B 439 -30.08 31.39 -3.33
N ASP B 440 -29.49 30.19 -3.36
CA ASP B 440 -29.18 29.39 -2.15
C ASP B 440 -27.96 29.97 -1.41
N PRO B 441 -27.84 29.77 -0.06
CA PRO B 441 -26.70 30.30 0.71
C PRO B 441 -25.34 30.14 0.01
N THR B 442 -24.74 31.28 -0.39
CA THR B 442 -23.57 31.30 -1.29
C THR B 442 -22.25 30.83 -0.65
N THR B 443 -22.16 29.52 -0.38
CA THR B 443 -20.99 28.89 0.24
C THR B 443 -19.80 28.87 -0.72
N VAL B 444 -19.08 29.98 -0.80
CA VAL B 444 -17.96 30.11 -1.74
C VAL B 444 -16.60 29.96 -1.07
N LEU B 445 -15.78 29.07 -1.61
CA LEU B 445 -14.42 28.83 -1.14
C LEU B 445 -13.47 29.93 -1.64
N CYS B 446 -12.46 30.26 -0.82
CA CYS B 446 -11.52 31.35 -1.10
C CYS B 446 -10.21 31.24 -0.30
N SER B 447 -9.28 32.15 -0.58
CA SER B 447 -8.03 32.23 0.15
C SER B 447 -8.08 33.33 1.19
N VAL B 448 -7.10 33.30 2.10
CA VAL B 448 -6.94 34.33 3.12
C VAL B 448 -7.00 35.71 2.48
N GLU B 449 -6.35 35.86 1.33
CA GLU B 449 -6.21 37.15 0.66
C GLU B 449 -7.55 37.68 0.12
N GLU B 450 -8.38 36.77 -0.39
CA GLU B 450 -9.73 37.10 -0.86
C GLU B 450 -10.65 37.41 0.31
N LEU B 451 -10.44 36.71 1.41
CA LEU B 451 -11.22 36.95 2.61
C LEU B 451 -11.03 38.36 3.11
N ALA B 452 -9.78 38.82 3.14
CA ALA B 452 -9.46 40.16 3.60
C ALA B 452 -10.04 41.24 2.67
N LEU B 453 -9.99 41.00 1.37
CA LEU B 453 -10.59 41.92 0.42
C LEU B 453 -12.05 42.22 0.76
N ALA B 454 -12.82 41.16 1.04
CA ALA B 454 -14.20 41.30 1.49
C ALA B 454 -14.33 42.31 2.64
N HIS B 455 -13.55 42.11 3.71
CA HIS B 455 -13.58 43.01 4.84
C HIS B 455 -13.43 44.48 4.43
N TYR B 456 -12.51 44.73 3.52
CA TYR B 456 -12.15 46.09 3.11
C TYR B 456 -13.15 46.71 2.14
N ARG B 457 -13.88 45.86 1.43
CA ARG B 457 -15.03 46.34 0.69
C ARG B 457 -16.11 46.84 1.66
N ARG B 458 -16.50 46.01 2.63
CA ARG B 458 -17.48 46.43 3.61
C ARG B 458 -16.89 47.47 4.58
N SER B 459 -15.60 47.75 4.47
CA SER B 459 -15.03 48.85 5.24
C SER B 459 -15.03 50.15 4.46
N GLY B 460 -15.56 50.11 3.24
CA GLY B 460 -15.73 51.32 2.42
C GLY B 460 -14.92 51.41 1.14
N PHE B 461 -13.84 50.64 1.06
CA PHE B 461 -12.98 50.64 -0.13
C PHE B 461 -13.53 49.67 -1.15
N ASP B 462 -14.20 50.23 -2.14
CA ASP B 462 -14.85 49.44 -3.16
C ASP B 462 -13.86 48.78 -4.10
N GLN B 463 -12.59 49.16 -4.01
CA GLN B 463 -11.56 48.66 -4.91
C GLN B 463 -10.41 48.01 -4.17
N GLY B 464 -9.76 47.05 -4.83
CA GLY B 464 -8.64 46.34 -4.24
C GLY B 464 -7.93 45.42 -5.21
N ILE B 465 -6.65 45.21 -4.97
CA ILE B 465 -5.82 44.38 -5.83
C ILE B 465 -4.82 43.53 -5.04
N HIS B 466 -4.95 42.21 -5.21
CA HIS B 466 -4.00 41.24 -4.69
C HIS B 466 -2.87 41.01 -5.69
N GLY B 467 -1.84 41.87 -5.66
CA GLY B 467 -0.71 41.79 -6.59
C GLY B 467 0.64 41.71 -5.92
N GLU B 468 0.65 41.83 -4.58
CA GLU B 468 1.88 41.83 -3.80
C GLU B 468 2.86 42.80 -4.46
N GLY B 469 4.06 42.33 -4.76
CA GLY B 469 5.07 43.18 -5.40
C GLY B 469 4.77 43.58 -6.83
N SER B 470 4.08 42.74 -7.57
CA SER B 470 3.89 42.98 -9.00
C SER B 470 3.18 44.30 -9.27
N THR B 471 2.17 44.61 -8.46
CA THR B 471 1.44 45.85 -8.61
C THR B 471 2.38 47.05 -8.66
N PHE B 472 3.15 47.23 -7.59
CA PHE B 472 4.12 48.32 -7.53
C PHE B 472 5.14 48.24 -8.62
N SER B 473 5.55 47.04 -8.98
CA SER B 473 6.53 46.86 -10.03
C SER B 473 6.00 47.40 -11.35
N THR B 474 4.81 46.98 -11.75
CA THR B 474 4.33 47.36 -13.07
C THR B 474 4.01 48.87 -13.16
N LEU B 475 3.91 49.56 -12.02
CA LEU B 475 3.77 51.03 -12.07
C LEU B 475 5.14 51.62 -12.35
N TYR B 476 6.09 51.32 -11.49
CA TYR B 476 7.50 51.68 -11.70
C TYR B 476 7.95 51.38 -13.12
N GLY B 477 7.32 50.38 -13.72
CA GLY B 477 7.69 49.99 -15.07
C GLY B 477 7.00 50.84 -16.11
N LEU B 478 5.80 51.30 -15.81
CA LEU B 478 5.06 52.15 -16.71
C LEU B 478 5.57 53.58 -16.58
N LEU B 479 6.13 53.89 -15.43
CA LEU B 479 6.60 55.23 -15.20
C LEU B 479 8.07 55.41 -15.54
N LEU B 480 8.75 54.38 -16.02
CA LEU B 480 10.19 54.57 -16.34
C LEU B 480 10.65 53.73 -17.52
N TRP B 481 9.67 53.27 -18.28
CA TRP B 481 9.88 52.37 -19.39
C TRP B 481 11.01 52.80 -20.28
N ASP B 482 10.98 54.09 -20.62
CA ASP B 482 11.93 54.71 -21.55
C ASP B 482 13.32 54.90 -20.93
N ILE B 483 13.40 55.20 -19.63
CA ILE B 483 14.68 55.31 -18.93
C ILE B 483 15.33 53.94 -18.75
N ILE B 484 14.48 52.91 -18.65
CA ILE B 484 14.90 51.50 -18.54
C ILE B 484 15.56 51.10 -19.85
N PHE B 485 14.75 51.11 -20.90
CA PHE B 485 15.18 50.71 -22.22
C PHE B 485 15.97 51.80 -22.98
N MET B 486 16.45 52.77 -22.21
CA MET B 486 17.28 53.85 -22.69
C MET B 486 18.64 53.38 -23.22
N ASP B 487 19.12 54.06 -24.26
CA ASP B 487 20.44 53.81 -24.85
C ASP B 487 21.57 54.59 -24.19
N GLY B 488 22.81 54.15 -24.41
CA GLY B 488 23.97 54.87 -23.89
C GLY B 488 24.74 54.12 -22.82
N ILE B 489 24.24 52.96 -22.42
CA ILE B 489 24.92 52.13 -21.42
C ILE B 489 25.49 50.87 -22.09
N PRO B 490 26.82 50.76 -22.10
CA PRO B 490 27.50 49.69 -22.82
C PRO B 490 27.25 48.31 -22.24
N ASP B 491 26.90 47.36 -23.10
CA ASP B 491 26.91 45.91 -22.75
C ASP B 491 25.59 45.32 -22.24
N VAL B 492 24.67 46.17 -21.82
CA VAL B 492 23.46 45.71 -21.17
C VAL B 492 22.42 45.19 -22.16
N PHE B 493 22.48 45.63 -23.42
CA PHE B 493 21.67 44.98 -24.47
C PHE B 493 22.57 44.21 -25.41
N ARG B 494 22.17 42.97 -25.73
CA ARG B 494 23.09 42.07 -26.39
C ARG B 494 22.43 41.25 -27.45
N ASN B 495 21.11 41.15 -27.41
CA ASN B 495 20.42 40.51 -28.51
C ASN B 495 18.91 40.64 -28.51
N ALA B 496 18.30 39.84 -29.38
CA ALA B 496 16.99 40.11 -29.94
C ALA B 496 15.81 40.09 -28.99
N CYS B 497 15.84 39.20 -28.00
CA CYS B 497 14.62 38.94 -27.22
C CYS B 497 14.67 39.30 -25.73
N GLN B 498 15.41 40.35 -25.37
CA GLN B 498 15.46 40.79 -23.98
C GLN B 498 14.14 41.42 -23.46
N ALA B 499 13.99 41.51 -22.15
CA ALA B 499 12.82 42.16 -21.56
C ALA B 499 13.28 43.11 -20.48
N PHE B 500 14.60 43.23 -20.36
CA PHE B 500 15.23 44.12 -19.42
C PHE B 500 16.71 44.28 -19.78
N PRO B 501 17.30 45.42 -19.42
CA PRO B 501 18.73 45.55 -19.51
C PRO B 501 19.37 44.63 -18.51
N LEU B 502 20.53 44.07 -18.84
CA LEU B 502 21.19 43.15 -17.94
C LEU B 502 21.68 43.77 -16.64
N ASP B 503 21.68 45.08 -16.52
CA ASP B 503 22.22 45.68 -15.29
C ASP B 503 21.15 46.00 -14.22
N LEU B 504 19.89 45.68 -14.54
CA LEU B 504 18.71 46.09 -13.77
C LEU B 504 18.79 45.77 -12.29
N CYS B 505 19.36 44.62 -11.93
CA CYS B 505 19.47 44.20 -10.53
C CYS B 505 20.87 44.36 -9.98
N THR B 506 21.49 45.50 -10.29
CA THR B 506 22.86 45.78 -9.86
C THR B 506 22.97 47.20 -9.41
N ASP B 507 23.83 47.44 -8.43
CA ASP B 507 24.13 48.80 -8.02
C ASP B 507 24.31 49.73 -9.24
N SER B 508 25.03 49.22 -10.24
CA SER B 508 25.28 49.93 -11.50
C SER B 508 24.08 50.47 -12.27
N PHE B 509 22.89 49.89 -12.14
CA PHE B 509 21.76 50.37 -12.94
C PHE B 509 21.44 51.83 -12.71
N PHE B 510 21.39 52.22 -11.44
CA PHE B 510 21.10 53.60 -11.06
C PHE B 510 22.31 54.45 -11.35
N THR B 511 23.48 54.00 -10.92
CA THR B 511 24.73 54.74 -11.14
C THR B 511 24.98 55.04 -12.63
N SER B 512 24.69 54.08 -13.51
CA SER B 512 24.86 54.24 -14.94
C SER B 512 23.76 55.08 -15.58
N ARG B 513 22.96 55.77 -14.77
CA ARG B 513 21.83 56.54 -15.29
C ARG B 513 21.42 57.61 -14.30
N ARG B 514 22.30 57.94 -13.36
CA ARG B 514 21.98 58.90 -12.31
C ARG B 514 21.29 60.16 -12.82
N PRO B 515 21.88 60.82 -13.86
CA PRO B 515 21.28 62.02 -14.45
C PRO B 515 19.79 61.85 -14.71
N ALA B 516 19.46 61.01 -15.71
CA ALA B 516 18.09 60.85 -16.20
C ALA B 516 17.11 60.41 -15.14
N LEU B 517 17.60 59.70 -14.12
CA LEU B 517 16.74 59.18 -13.05
C LEU B 517 16.42 60.23 -12.01
N GLU B 518 17.47 60.81 -11.42
CA GLU B 518 17.32 61.94 -10.51
C GLU B 518 16.34 62.98 -11.04
N ALA B 519 16.39 63.19 -12.35
CA ALA B 519 15.39 63.96 -13.08
C ALA B 519 13.99 63.41 -12.85
N ARG B 520 13.72 62.26 -13.46
CA ARG B 520 12.37 61.66 -13.50
C ARG B 520 11.77 61.41 -12.11
N LEU B 521 12.61 61.09 -11.13
CA LEU B 521 12.14 60.87 -9.76
C LEU B 521 11.57 62.17 -9.19
N GLN B 522 12.34 63.25 -9.34
CA GLN B 522 11.94 64.59 -8.94
C GLN B 522 10.60 65.01 -9.55
N LEU B 523 10.56 64.94 -10.87
CA LEU B 523 9.39 65.27 -11.68
C LEU B 523 8.12 64.54 -11.25
N ILE B 524 8.27 63.32 -10.74
CA ILE B 524 7.14 62.55 -10.22
C ILE B 524 6.76 63.08 -8.84
N HIS B 525 7.77 63.32 -8.02
CA HIS B 525 7.53 63.80 -6.67
C HIS B 525 6.67 65.06 -6.68
N ASP B 526 6.74 65.80 -7.77
CA ASP B 526 6.08 67.09 -7.86
C ASP B 526 4.80 67.04 -8.66
N ALA B 527 4.69 66.04 -9.51
CA ALA B 527 3.57 65.96 -10.46
C ALA B 527 2.19 66.17 -9.84
N PRO B 528 1.31 66.91 -10.56
CA PRO B 528 -0.12 66.84 -10.25
C PRO B 528 -0.74 65.54 -10.76
N GLU B 529 -1.73 65.04 -10.03
CA GLU B 529 -2.33 63.75 -10.32
C GLU B 529 -3.09 63.69 -11.67
N GLU B 530 -2.66 64.52 -12.62
CA GLU B 530 -3.16 64.42 -13.98
C GLU B 530 -1.98 64.10 -14.85
N SER B 531 -0.84 64.69 -14.51
CA SER B 531 0.43 64.38 -15.18
C SER B 531 0.69 62.88 -15.09
N LEU B 532 0.49 62.35 -13.87
CA LEU B 532 0.53 60.93 -13.60
C LEU B 532 -0.44 60.16 -14.49
N ARG B 533 -1.74 60.43 -14.38
CA ARG B 533 -2.73 59.68 -15.16
C ARG B 533 -2.38 59.63 -16.65
N ALA B 534 -1.75 60.72 -17.12
CA ALA B 534 -1.34 60.88 -18.52
C ALA B 534 -0.09 60.05 -18.84
N TRP B 535 0.97 60.32 -18.07
CA TRP B 535 2.23 59.55 -18.14
C TRP B 535 2.03 58.04 -18.29
N VAL B 536 1.11 57.52 -17.47
CA VAL B 536 0.72 56.12 -17.53
C VAL B 536 0.14 55.71 -18.90
N ALA B 537 -0.84 56.48 -19.38
CA ALA B 537 -1.52 56.16 -20.64
C ALA B 537 -0.63 56.24 -21.89
N ALA B 538 0.51 56.94 -21.80
CA ALA B 538 1.48 57.00 -22.90
C ALA B 538 2.06 55.61 -23.09
N THR B 539 2.88 55.22 -22.11
CA THR B 539 3.44 53.88 -21.94
C THR B 539 2.44 52.77 -22.20
N TRP B 540 1.26 52.88 -21.59
CA TRP B 540 0.25 51.86 -21.77
C TRP B 540 -0.10 51.69 -23.25
N HIS B 541 -0.52 52.77 -23.90
CA HIS B 541 -0.91 52.76 -25.31
C HIS B 541 0.23 52.37 -26.24
N GLU B 542 1.41 52.92 -26.01
CA GLU B 542 2.61 52.58 -26.81
C GLU B 542 3.09 51.12 -26.67
N GLN B 543 3.08 50.59 -25.44
CA GLN B 543 3.75 49.33 -25.16
C GLN B 543 2.82 48.15 -24.88
N GLU B 544 1.52 48.39 -24.73
CA GLU B 544 0.62 47.33 -24.24
C GLU B 544 0.72 45.99 -24.96
N GLY B 545 1.30 45.01 -24.28
CA GLY B 545 1.51 43.68 -24.84
C GLY B 545 2.97 43.29 -24.91
N ARG B 546 3.83 44.27 -25.18
CA ARG B 546 5.27 44.02 -25.21
C ARG B 546 5.69 43.30 -23.93
N VAL B 547 6.51 42.28 -24.08
CA VAL B 547 7.09 41.57 -22.94
C VAL B 547 8.12 42.43 -22.20
N ALA B 548 7.84 42.80 -20.97
CA ALA B 548 8.87 43.39 -20.10
C ALA B 548 8.79 42.79 -18.71
N SER B 549 9.96 42.60 -18.10
CA SER B 549 10.08 41.85 -16.87
C SER B 549 9.33 42.45 -15.70
N LEU B 550 9.21 43.78 -15.64
CA LEU B 550 8.61 44.46 -14.48
C LEU B 550 7.11 44.63 -14.64
N VAL B 551 6.65 44.53 -15.88
CA VAL B 551 5.28 44.93 -16.20
C VAL B 551 4.43 43.72 -16.52
N SER B 552 3.27 43.64 -15.87
CA SER B 552 2.34 42.55 -16.12
C SER B 552 1.03 43.14 -16.63
N TRP B 553 0.78 42.97 -17.93
CA TRP B 553 -0.29 43.71 -18.57
C TRP B 553 -1.68 43.45 -17.98
N ASP B 554 -1.94 42.21 -17.62
CA ASP B 554 -3.25 41.84 -17.07
C ASP B 554 -3.36 42.02 -15.54
N ARG B 555 -2.30 42.53 -14.92
CA ARG B 555 -2.30 42.83 -13.50
C ARG B 555 -3.46 43.77 -13.16
N PHE B 556 -3.74 44.72 -14.05
CA PHE B 556 -4.88 45.64 -13.88
C PHE B 556 -5.97 45.31 -14.87
N THR B 557 -7.23 45.32 -14.42
CA THR B 557 -8.35 44.95 -15.26
C THR B 557 -8.49 45.83 -16.51
N SER B 558 -7.93 47.03 -16.46
CA SER B 558 -7.99 47.98 -17.58
C SER B 558 -6.95 49.06 -17.36
N LEU B 559 -6.70 49.88 -18.38
CA LEU B 559 -5.88 51.08 -18.21
C LEU B 559 -6.57 52.05 -17.25
N GLN B 560 -7.89 52.08 -17.32
CA GLN B 560 -8.68 52.94 -16.45
C GLN B 560 -8.32 52.69 -14.99
N GLN B 561 -8.38 51.42 -14.57
CA GLN B 561 -8.11 51.03 -13.18
C GLN B 561 -6.70 51.47 -12.76
N ALA B 562 -5.77 51.41 -13.73
CA ALA B 562 -4.38 51.80 -13.52
C ALA B 562 -4.24 53.26 -13.15
N GLN B 563 -5.03 54.11 -13.82
CA GLN B 563 -5.06 55.56 -13.58
C GLN B 563 -5.62 55.97 -12.20
N ASP B 564 -6.71 55.33 -11.79
CA ASP B 564 -7.34 55.63 -10.51
C ASP B 564 -6.32 55.45 -9.41
N LEU B 565 -5.58 54.35 -9.50
CA LEU B 565 -4.65 53.96 -8.46
C LEU B 565 -3.54 55.00 -8.29
N VAL B 566 -2.92 55.39 -9.40
CA VAL B 566 -1.86 56.40 -9.34
C VAL B 566 -2.36 57.74 -8.85
N SER B 567 -3.63 58.01 -9.11
CA SER B 567 -4.25 59.22 -8.60
C SER B 567 -4.25 59.22 -7.07
N CYS B 568 -4.68 58.12 -6.46
CA CYS B 568 -4.70 58.01 -5.00
C CYS B 568 -3.31 57.97 -4.41
N LEU B 569 -2.39 57.29 -5.09
CA LEU B 569 -1.04 57.10 -4.55
C LEU B 569 -0.31 58.41 -4.51
N GLY B 570 -0.17 59.00 -5.69
CA GLY B 570 0.32 60.36 -5.83
C GLY B 570 1.80 60.58 -5.66
N GLY B 571 2.37 61.21 -6.69
CA GLY B 571 3.67 61.88 -6.65
C GLY B 571 4.68 61.46 -5.61
N PRO B 572 4.66 62.10 -4.44
CA PRO B 572 5.66 61.84 -3.42
C PRO B 572 5.83 60.36 -3.08
N VAL B 573 4.71 59.64 -2.91
CA VAL B 573 4.72 58.21 -2.62
C VAL B 573 5.32 57.42 -3.77
N LEU B 574 4.70 57.51 -4.95
CA LEU B 574 5.20 56.84 -6.11
C LEU B 574 6.70 57.09 -6.29
N SER B 575 7.08 58.37 -6.38
CA SER B 575 8.47 58.76 -6.52
C SER B 575 9.38 58.04 -5.51
N GLY B 576 8.95 58.05 -4.25
CA GLY B 576 9.70 57.41 -3.17
C GLY B 576 9.90 55.91 -3.35
N VAL B 577 8.81 55.21 -3.63
CA VAL B 577 8.90 53.79 -3.98
C VAL B 577 9.92 53.58 -5.11
N CYS B 578 9.72 54.29 -6.22
CA CYS B 578 10.56 54.16 -7.40
C CYS B 578 12.04 54.33 -7.10
N ARG B 579 12.37 55.20 -6.14
CA ARG B 579 13.76 55.39 -5.75
C ARG B 579 14.40 54.08 -5.30
N HIS B 580 13.69 53.31 -4.47
CA HIS B 580 14.23 52.05 -3.93
C HIS B 580 14.32 50.99 -5.01
N LEU B 581 13.29 50.92 -5.84
CA LEU B 581 13.26 49.96 -6.93
C LEU B 581 14.35 50.17 -7.98
N ALA B 582 14.76 51.41 -8.18
CA ALA B 582 15.84 51.68 -9.14
C ALA B 582 17.15 51.48 -8.42
N ALA B 583 17.25 52.04 -7.23
CA ALA B 583 18.48 52.03 -6.45
C ALA B 583 18.97 50.64 -6.05
N ASP B 584 18.04 49.66 -5.95
CA ASP B 584 18.36 48.34 -5.38
C ASP B 584 17.35 47.24 -5.64
N PHE B 585 16.89 47.09 -6.88
CA PHE B 585 15.81 46.15 -7.16
C PHE B 585 16.12 44.79 -6.63
N ARG B 586 17.41 44.44 -6.67
CA ARG B 586 17.91 43.17 -6.18
C ARG B 586 17.43 42.84 -4.78
N HIS B 587 17.56 43.79 -3.86
CA HIS B 587 17.21 43.58 -2.45
C HIS B 587 15.86 44.15 -2.00
N CYS B 588 15.07 44.62 -2.97
CA CYS B 588 13.83 45.34 -2.69
C CYS B 588 12.63 44.70 -3.35
N ARG B 589 12.86 44.07 -4.50
CA ARG B 589 11.77 43.47 -5.24
C ARG B 589 10.79 42.69 -4.34
N GLY B 590 11.25 42.10 -3.25
CA GLY B 590 10.34 41.33 -2.40
C GLY B 590 10.04 41.98 -1.07
N GLY B 591 8.81 41.82 -0.58
CA GLY B 591 8.45 42.28 0.76
C GLY B 591 7.28 43.24 0.82
N LEU B 592 6.73 43.57 -0.34
CA LEU B 592 5.61 44.50 -0.44
C LEU B 592 4.36 43.81 -0.01
N PRO B 593 3.47 44.55 0.65
CA PRO B 593 2.21 44.06 1.15
C PRO B 593 1.39 43.38 0.09
N ASP B 594 0.64 42.35 0.50
CA ASP B 594 -0.25 41.58 -0.37
C ASP B 594 -1.23 42.48 -1.15
N LEU B 595 -1.73 43.52 -0.50
CA LEU B 595 -2.88 44.29 -0.98
C LEU B 595 -2.70 45.81 -1.14
N VAL B 596 -3.39 46.35 -2.15
CA VAL B 596 -3.66 47.79 -2.24
C VAL B 596 -5.15 47.87 -2.40
N VAL B 597 -5.81 48.62 -1.51
CA VAL B 597 -7.25 48.82 -1.56
C VAL B 597 -7.52 50.31 -1.49
N TRP B 598 -8.52 50.78 -2.22
CA TRP B 598 -8.84 52.20 -2.19
C TRP B 598 -10.31 52.48 -2.44
N ASN B 599 -10.77 53.59 -1.87
CA ASN B 599 -12.14 54.04 -2.02
C ASN B 599 -12.27 54.99 -3.19
N SER B 600 -13.14 54.61 -4.12
CA SER B 600 -13.32 55.30 -5.37
C SER B 600 -13.43 56.81 -5.22
N GLN B 601 -14.33 57.25 -4.34
CA GLN B 601 -14.66 58.68 -4.20
C GLN B 601 -13.84 59.45 -3.16
N SER B 602 -13.52 58.83 -2.03
CA SER B 602 -12.74 59.53 -1.02
C SER B 602 -11.28 59.67 -1.45
N ARG B 603 -10.83 58.78 -2.34
CA ARG B 603 -9.47 58.75 -2.86
C ARG B 603 -8.42 58.26 -1.84
N HIS B 604 -8.86 57.85 -0.66
CA HIS B 604 -7.93 57.33 0.33
C HIS B 604 -7.63 55.89 0.00
N PHE B 605 -6.38 55.52 0.12
CA PHE B 605 -5.93 54.18 -0.18
C PHE B 605 -5.30 53.56 1.04
N LYS B 606 -5.22 52.23 1.04
CA LYS B 606 -4.61 51.50 2.13
C LYS B 606 -3.79 50.32 1.60
N LEU B 607 -2.61 50.13 2.20
CA LEU B 607 -1.69 49.04 1.87
C LEU B 607 -1.69 48.01 2.98
N VAL B 608 -2.02 46.78 2.62
CA VAL B 608 -2.34 45.75 3.60
C VAL B 608 -1.51 44.49 3.42
N GLU B 609 -0.76 44.10 4.45
CA GLU B 609 -0.16 42.76 4.44
C GLU B 609 -1.06 41.80 5.20
N VAL B 610 -1.62 40.84 4.46
CA VAL B 610 -2.53 39.84 5.00
C VAL B 610 -1.76 38.67 5.59
N LYS B 611 -1.98 38.40 6.86
CA LYS B 611 -1.31 37.29 7.53
C LYS B 611 -2.33 36.26 7.94
N GLY B 612 -2.12 35.03 7.53
CA GLY B 612 -2.91 33.94 8.05
C GLY B 612 -2.60 33.73 9.53
N PRO B 613 -3.29 32.76 10.16
CA PRO B 613 -3.03 32.39 11.56
C PRO B 613 -1.64 31.79 11.73
N ASN B 614 -1.12 31.20 10.66
CA ASN B 614 0.14 30.47 10.72
C ASN B 614 1.34 31.04 9.95
N ASP B 615 1.48 32.37 9.91
CA ASP B 615 2.74 33.01 9.50
C ASP B 615 2.88 34.43 10.03
N ARG B 616 4.10 34.96 10.01
CA ARG B 616 4.40 36.27 10.61
C ARG B 616 5.02 37.25 9.60
N LEU B 617 5.42 38.42 10.09
CA LEU B 617 6.17 39.37 9.29
C LEU B 617 7.61 38.93 9.11
N SER B 618 8.07 38.90 7.86
CA SER B 618 9.47 38.69 7.56
C SER B 618 10.20 40.02 7.62
N HIS B 619 11.51 40.00 7.83
CA HIS B 619 12.29 41.24 7.88
C HIS B 619 12.09 42.09 6.65
N LYS B 620 12.09 41.45 5.48
CA LYS B 620 11.93 42.17 4.24
C LYS B 620 10.63 42.91 4.24
N GLN B 621 9.60 42.31 4.80
CA GLN B 621 8.29 42.94 4.91
C GLN B 621 8.24 44.12 5.85
N MET B 622 8.88 44.02 7.01
CA MET B 622 8.78 45.12 7.95
C MET B 622 9.62 46.34 7.57
N ILE B 623 10.75 46.11 6.93
CA ILE B 623 11.58 47.19 6.35
C ILE B 623 10.72 48.04 5.41
N TRP B 624 9.97 47.36 4.53
CA TRP B 624 9.07 48.03 3.60
C TRP B 624 7.99 48.82 4.28
N LEU B 625 7.36 48.23 5.29
CA LEU B 625 6.25 48.89 5.97
C LEU B 625 6.66 50.19 6.64
N ALA B 626 7.80 50.19 7.33
CA ALA B 626 8.35 51.42 7.91
C ALA B 626 8.50 52.43 6.82
N GLU B 627 9.19 52.00 5.77
CA GLU B 627 9.51 52.81 4.62
C GLU B 627 8.29 53.50 4.00
N LEU B 628 7.24 52.73 3.74
CA LEU B 628 5.99 53.24 3.18
C LEU B 628 5.30 54.28 4.06
N GLN B 629 5.45 54.10 5.37
CA GLN B 629 4.90 55.01 6.34
C GLN B 629 5.64 56.37 6.32
N LYS B 630 6.97 56.34 6.33
CA LYS B 630 7.78 57.56 6.25
C LYS B 630 7.43 58.39 5.01
N LEU B 631 7.09 57.71 3.92
CA LEU B 631 6.56 58.37 2.74
C LEU B 631 5.13 58.84 2.98
N GLY B 632 4.57 58.45 4.12
CA GLY B 632 3.22 58.82 4.53
C GLY B 632 2.13 58.07 3.80
N ALA B 633 1.96 56.80 4.11
CA ALA B 633 0.90 56.03 3.48
C ALA B 633 0.17 55.14 4.47
N GLU B 634 -1.13 55.00 4.27
CA GLU B 634 -1.96 54.19 5.13
C GLU B 634 -1.58 52.71 5.07
N VAL B 635 -0.73 52.28 6.00
CA VAL B 635 -0.23 50.91 6.03
C VAL B 635 -0.79 50.11 7.22
N GLU B 636 -1.13 48.85 6.95
CA GLU B 636 -1.88 48.04 7.88
C GLU B 636 -1.54 46.56 7.71
N VAL B 637 -1.30 45.90 8.84
CA VAL B 637 -1.17 44.45 8.86
C VAL B 637 -2.49 43.85 9.32
N CYS B 638 -2.99 42.88 8.56
CA CYS B 638 -4.30 42.34 8.81
C CYS B 638 -4.24 40.83 9.01
N HIS B 639 -4.34 40.42 10.28
CA HIS B 639 -4.34 39.01 10.63
C HIS B 639 -5.72 38.41 10.44
N VAL B 640 -5.75 37.12 10.16
CA VAL B 640 -7.00 36.38 10.02
C VAL B 640 -7.04 35.27 11.07
N VAL B 641 -8.19 35.17 11.74
CA VAL B 641 -8.46 34.08 12.69
C VAL B 641 -9.57 33.16 12.20
N ALA B 642 -9.37 31.85 12.37
CA ALA B 642 -10.26 30.83 11.82
C ALA B 642 -11.25 30.28 12.85
N VAL B 643 -12.35 29.70 12.36
CA VAL B 643 -13.32 29.01 13.21
C VAL B 643 -13.68 27.64 12.63
#